data_3NKP
#
_entry.id   3NKP
#
_cell.length_a   61.523
_cell.length_b   94.518
_cell.length_c   75.503
_cell.angle_alpha   90.000
_cell.angle_beta   94.550
_cell.angle_gamma   90.000
#
_symmetry.space_group_name_H-M   'P 1 21 1'
#
loop_
_entity.id
_entity.type
_entity.pdbx_description
1 polymer 'Ectonucleotide pyrophosphatase/phosphodiesterase family member 2'
2 branched 2-acetamido-2-deoxy-beta-D-glucopyranose-(1-4)-2-acetamido-2-deoxy-beta-D-glucopyranose
3 branched alpha-D-mannopyranose-(1-2)-alpha-D-mannopyranose-(1-3)-alpha-D-mannopyranose-(1-6)-beta-D-mannopyranose-(1-4)-2-acetamido-2-deoxy-beta-D-glucopyranose-(1-4)-2-acetamido-2-deoxy-beta-D-glucopyranose
4 non-polymer 'ZINC ION'
5 non-polymer 'CALCIUM ION'
6 non-polymer 'SODIUM ION'
7 non-polymer 'POTASSIUM ION'
8 non-polymer '(2R)-2-hydroxy-3-(phosphonooxy)propyl (9E)-octadec-9-enoate'
9 non-polymer 'THIOCYANATE ION'
10 non-polymer 1,2-ETHANEDIOL
11 water water
#
_entity_poly.entity_id   1
_entity_poly.type   'polypeptide(L)'
_entity_poly.pdbx_seq_one_letter_code
;AEWDEGPPTVLSDSPWTNTSGSCKGRCFELQEVGPPDCRCDNLCKSYSSCCHDFDELCLKTARGWECTKDRCGEVRNEEN
ACHCSEDCLSRGDCCTNYQVVCKGESHWVDDDCEEIRVPECPAGFVRPPLIIFSVDGFRASYMKKGSKVMPNIEKLRSCG
THAPYMRPVYPTKTFPNLYTLATGLYPESHGIVGNSMYDPVFDATFHLRGREKFNHRWWGGQPLWITATKQGVRAGTFFW
SVSIPHERRILTILQWLSLPDNERPSVYAFYSEQPDFSGHKYGPFGPEMTNPLREIDKTVGQLMDGLKQLKLHRCVNVIF
VGDHGMEDVTCDRTEFLSNYLTNVDDITLVPGTLGRIRPKIPNNLKYDPKAIIANLTCKKPDQHFKPYMKQHLPKRLHYA
NNRRIEDLHLLVERRWHVARKPLDVYKKPSGKCFFQGDHGFDNKVNSMQTVFVGYGPTFKYRTKVPPFENIELYNVMCDL
LGLKPAPNNGTHGSLNHLLRTNTFRPTLPEEVSRPNYPGIMYLQSDFDLGCTCDDKNKLEELNKRLHTKGSTEERHLLYG
RPAVLYRTSYDILYHTDFESGYSEIFLMPLWTSYTISKQAEVSSIPEHLTNCVRPDVRVSPGFSQNCLAYKNDKQMSYGF
LFPPYLSSSPEAKYDAFLVTNMVPMYPAFKRVWTYFQRVLVKKYASERNGVNVISGPIFDYNYNGLRDIEDEIKQYVEGS
SIPVPTHYYSIITSCLDFTQPADKCDGPLSVSSFILPHRPDNDESCNSSEDESKWVEELMKMHTARVRDIEHLTGLDFYR
KTSRSYSEILTLKTYLHTYESEISRENLYFQ
;
_entity_poly.pdbx_strand_id   A
#
loop_
_chem_comp.id
_chem_comp.type
_chem_comp.name
_chem_comp.formula
BMA D-saccharide, beta linking beta-D-mannopyranose 'C6 H12 O6'
CA non-polymer 'CALCIUM ION' 'Ca 2'
EDO non-polymer 1,2-ETHANEDIOL 'C2 H6 O2'
K non-polymer 'POTASSIUM ION' 'K 1'
MAN D-saccharide, alpha linking alpha-D-mannopyranose 'C6 H12 O6'
NA non-polymer 'SODIUM ION' 'Na 1'
NAG D-saccharide, beta linking 2-acetamido-2-deoxy-beta-D-glucopyranose 'C8 H15 N O6'
NKP non-polymer '(2R)-2-hydroxy-3-(phosphonooxy)propyl (9E)-octadec-9-enoate' 'C21 H41 O7 P'
SCN non-polymer 'THIOCYANATE ION' 'C N S -1'
ZN non-polymer 'ZINC ION' 'Zn 2'
#
# COMPACT_ATOMS: atom_id res chain seq x y z
N TRP A 16 18.84 -22.04 29.19
CA TRP A 16 20.30 -22.13 29.11
C TRP A 16 20.76 -22.92 27.90
N THR A 17 21.78 -22.41 27.23
CA THR A 17 22.34 -23.04 26.05
C THR A 17 23.81 -23.42 26.30
N ASN A 18 24.12 -24.68 26.01
CA ASN A 18 25.46 -25.22 26.25
C ASN A 18 26.40 -24.88 25.11
N THR A 19 27.04 -23.73 25.23
CA THR A 19 27.93 -23.21 24.19
C THR A 19 29.16 -24.07 23.95
N SER A 20 29.38 -25.04 24.84
CA SER A 20 30.59 -25.87 24.78
C SER A 20 30.65 -26.74 23.53
N GLY A 21 29.48 -26.99 22.92
CA GLY A 21 29.40 -27.79 21.71
C GLY A 21 30.17 -27.20 20.54
N SER A 22 30.11 -27.88 19.39
CA SER A 22 30.86 -27.45 18.22
C SER A 22 29.97 -27.31 16.98
N CYS A 23 30.33 -26.36 16.12
CA CYS A 23 29.62 -26.15 14.86
C CYS A 23 30.25 -26.97 13.75
N LYS A 24 31.08 -27.93 14.12
CA LYS A 24 31.70 -28.83 13.15
C LYS A 24 30.66 -29.42 12.21
N GLY A 25 30.87 -29.24 10.91
CA GLY A 25 29.94 -29.73 9.90
C GLY A 25 28.52 -29.24 10.11
N ARG A 26 28.38 -28.06 10.71
CA ARG A 26 27.08 -27.54 11.10
C ARG A 26 26.84 -26.10 10.66
N CYS A 27 27.85 -25.47 10.07
CA CYS A 27 27.76 -24.06 9.73
C CYS A 27 26.51 -23.70 8.93
N PHE A 28 25.78 -22.71 9.42
CA PHE A 28 24.54 -22.27 8.78
C PHE A 28 23.61 -23.44 8.46
N GLU A 29 23.51 -24.38 9.39
CA GLU A 29 22.60 -25.49 9.24
C GLU A 29 21.18 -24.95 9.24
N LEU A 30 20.28 -25.67 8.57
CA LEU A 30 18.91 -25.19 8.40
C LEU A 30 17.95 -25.76 9.44
N GLN A 31 18.37 -26.83 10.09
CA GLN A 31 17.57 -27.52 11.09
C GLN A 31 17.30 -26.69 12.35
N GLU A 32 16.14 -26.90 12.95
CA GLU A 32 15.79 -26.25 14.22
C GLU A 32 16.61 -26.85 15.36
N VAL A 33 17.23 -25.98 16.15
CA VAL A 33 18.01 -26.42 17.29
C VAL A 33 17.77 -25.51 18.49
N GLY A 34 17.13 -26.06 19.52
CA GLY A 34 16.80 -25.29 20.72
C GLY A 34 17.60 -25.75 21.92
N PRO A 35 17.58 -24.95 23.00
CA PRO A 35 18.29 -25.32 24.24
C PRO A 35 18.00 -26.76 24.65
N PRO A 36 18.95 -27.39 25.35
CA PRO A 36 20.22 -26.77 25.75
C PRO A 36 21.27 -26.75 24.64
N ASP A 37 20.95 -27.34 23.49
CA ASP A 37 21.88 -27.41 22.38
C ASP A 37 22.24 -26.02 21.84
N CYS A 38 23.51 -25.83 21.50
CA CYS A 38 23.99 -24.58 20.93
C CYS A 38 23.83 -24.55 19.41
N ARG A 39 23.75 -23.35 18.84
CA ARG A 39 23.38 -23.19 17.43
C ARG A 39 24.54 -22.76 16.53
N CYS A 40 24.32 -22.86 15.23
CA CYS A 40 25.33 -22.50 14.24
C CYS A 40 24.67 -21.80 13.05
N ASP A 41 23.42 -21.41 13.21
CA ASP A 41 22.65 -20.80 12.15
C ASP A 41 22.91 -19.30 12.07
N ASN A 42 22.41 -18.65 11.02
CA ASN A 42 22.72 -17.24 10.82
C ASN A 42 22.13 -16.29 11.85
N LEU A 43 21.35 -16.82 12.79
CA LEU A 43 20.76 -15.98 13.83
C LEU A 43 21.26 -16.27 15.24
N CYS A 44 22.27 -17.12 15.37
CA CYS A 44 22.73 -17.51 16.70
C CYS A 44 23.39 -16.35 17.43
N LYS A 45 24.21 -15.58 16.71
CA LYS A 45 24.88 -14.45 17.33
C LYS A 45 23.87 -13.51 17.95
N SER A 46 22.74 -13.35 17.27
CA SER A 46 21.66 -12.48 17.73
C SER A 46 20.99 -13.03 19.00
N TYR A 47 21.07 -14.33 19.19
CA TYR A 47 20.50 -14.97 20.38
C TYR A 47 21.57 -15.30 21.41
N SER A 48 22.81 -14.99 21.07
CA SER A 48 23.95 -15.31 21.93
C SER A 48 23.94 -16.80 22.31
N SER A 49 23.63 -17.65 21.34
CA SER A 49 23.54 -19.08 21.58
C SER A 49 24.42 -19.88 20.62
N CYS A 50 25.39 -19.20 20.02
CA CYS A 50 26.32 -19.85 19.10
C CYS A 50 27.23 -20.81 19.85
N CYS A 51 27.64 -21.88 19.18
CA CYS A 51 28.66 -22.76 19.73
C CYS A 51 29.97 -21.96 19.81
N HIS A 52 30.88 -22.40 20.67
CA HIS A 52 32.10 -21.64 20.94
C HIS A 52 32.97 -21.42 19.69
N ASP A 53 32.82 -22.30 18.71
CA ASP A 53 33.65 -22.23 17.51
C ASP A 53 32.88 -21.76 16.27
N PHE A 54 31.73 -21.13 16.49
CA PHE A 54 30.95 -20.59 15.38
C PHE A 54 31.76 -19.56 14.60
N ASP A 55 32.14 -18.48 15.27
CA ASP A 55 32.93 -17.43 14.64
C ASP A 55 34.14 -18.01 13.90
N GLU A 56 34.74 -19.05 14.49
CA GLU A 56 35.95 -19.67 13.94
C GLU A 56 35.69 -20.53 12.71
N LEU A 57 34.74 -21.46 12.80
CA LEU A 57 34.47 -22.40 11.71
C LEU A 57 33.59 -21.81 10.62
N CYS A 58 32.73 -20.85 10.99
CA CYS A 58 31.62 -20.46 10.13
C CYS A 58 31.76 -19.09 9.47
N LEU A 59 32.61 -18.25 10.04
CA LEU A 59 32.77 -16.90 9.52
C LEU A 59 34.19 -16.67 9.01
N LYS A 60 34.73 -17.65 8.30
CA LYS A 60 36.07 -17.53 7.75
C LYS A 60 36.18 -16.29 6.84
N THR A 61 37.36 -15.68 6.82
CA THR A 61 37.58 -14.44 6.09
C THR A 61 38.90 -14.47 5.32
N ALA A 62 39.67 -15.53 5.53
CA ALA A 62 41.02 -15.65 4.98
C ALA A 62 41.09 -15.54 3.45
N ARG A 63 41.83 -14.52 3.00
CA ARG A 63 42.14 -14.35 1.58
C ARG A 63 41.05 -13.63 0.78
N GLY A 64 40.02 -13.16 1.46
CA GLY A 64 38.99 -12.38 0.80
C GLY A 64 37.97 -13.23 0.06
N TRP A 65 37.28 -12.61 -0.90
CA TRP A 65 36.07 -13.15 -1.50
C TRP A 65 36.18 -13.46 -2.99
N GLU A 66 37.38 -13.30 -3.53
CA GLU A 66 37.59 -13.46 -4.97
C GLU A 66 38.78 -14.36 -5.28
N CYS A 67 38.61 -15.20 -6.29
CA CYS A 67 39.73 -15.97 -6.80
C CYS A 67 40.62 -15.05 -7.59
N THR A 68 41.93 -15.29 -7.51
CA THR A 68 42.90 -14.64 -8.39
C THR A 68 43.62 -15.71 -9.19
N LYS A 69 44.22 -15.32 -10.32
CA LYS A 69 44.92 -16.28 -11.17
C LYS A 69 45.86 -17.17 -10.35
N ASP A 70 46.49 -16.58 -9.34
CA ASP A 70 47.48 -17.28 -8.54
C ASP A 70 46.88 -18.27 -7.55
N ARG A 71 45.55 -18.36 -7.53
CA ARG A 71 44.90 -19.32 -6.64
C ARG A 71 44.31 -20.49 -7.40
N CYS A 72 44.26 -20.37 -8.72
CA CYS A 72 43.61 -21.39 -9.54
C CYS A 72 44.27 -22.75 -9.35
N GLY A 73 43.44 -23.79 -9.27
CA GLY A 73 43.95 -25.14 -9.06
C GLY A 73 44.80 -25.28 -7.82
N GLU A 74 44.45 -24.53 -6.78
CA GLU A 74 45.17 -24.57 -5.51
C GLU A 74 44.82 -25.86 -4.74
N VAL A 75 45.62 -26.19 -3.75
CA VAL A 75 45.25 -27.23 -2.80
C VAL A 75 44.24 -26.62 -1.83
N ARG A 76 43.13 -27.31 -1.65
CA ARG A 76 42.06 -26.84 -0.78
C ARG A 76 42.52 -26.58 0.65
N ASN A 77 42.53 -25.31 1.04
CA ASN A 77 42.78 -24.94 2.43
C ASN A 77 41.48 -24.53 3.11
N GLU A 78 41.09 -25.30 4.12
CA GLU A 78 39.82 -25.11 4.79
C GLU A 78 39.74 -23.82 5.57
N GLU A 79 40.84 -23.07 5.58
CA GLU A 79 40.89 -21.82 6.32
C GLU A 79 40.40 -20.63 5.48
N ASN A 80 40.38 -20.83 4.17
CA ASN A 80 39.99 -19.76 3.26
C ASN A 80 38.49 -19.45 3.30
N ALA A 81 38.15 -18.20 3.01
CA ALA A 81 36.77 -17.74 3.00
C ALA A 81 35.98 -18.47 1.93
N CYS A 82 36.59 -18.60 0.76
CA CYS A 82 36.02 -19.38 -0.34
C CYS A 82 37.17 -20.00 -1.10
N HIS A 83 36.85 -20.90 -2.03
CA HIS A 83 37.88 -21.75 -2.60
C HIS A 83 38.00 -21.64 -4.12
N CYS A 84 39.19 -21.95 -4.60
CA CYS A 84 39.48 -21.88 -6.03
C CYS A 84 40.14 -23.18 -6.45
N SER A 85 40.15 -24.14 -5.53
CA SER A 85 40.70 -25.47 -5.78
C SER A 85 39.81 -26.23 -6.75
N GLU A 86 40.39 -27.21 -7.43
CA GLU A 86 39.70 -27.95 -8.47
C GLU A 86 38.41 -28.64 -8.03
N ASP A 87 38.29 -28.94 -6.74
CA ASP A 87 37.12 -29.66 -6.23
C ASP A 87 36.00 -28.73 -5.73
N CYS A 88 36.27 -27.43 -5.71
CA CYS A 88 35.38 -26.48 -5.05
C CYS A 88 33.95 -26.55 -5.57
N LEU A 89 33.78 -26.86 -6.85
CA LEU A 89 32.47 -26.87 -7.46
C LEU A 89 31.55 -27.96 -6.90
N SER A 90 32.11 -29.15 -6.67
CA SER A 90 31.33 -30.26 -6.11
C SER A 90 30.96 -29.96 -4.66
N ARG A 91 31.90 -29.35 -3.94
CA ARG A 91 31.68 -28.98 -2.55
C ARG A 91 30.79 -27.76 -2.41
N GLY A 92 30.66 -27.00 -3.49
CA GLY A 92 29.73 -25.90 -3.56
C GLY A 92 30.18 -24.62 -2.86
N ASP A 93 31.50 -24.46 -2.73
CA ASP A 93 32.05 -23.31 -2.02
C ASP A 93 33.17 -22.62 -2.77
N CYS A 94 33.08 -22.62 -4.11
CA CYS A 94 33.97 -21.80 -4.90
C CYS A 94 33.69 -20.33 -4.58
N CYS A 95 34.71 -19.48 -4.68
CA CYS A 95 34.43 -18.05 -4.77
C CYS A 95 33.55 -17.86 -6.01
N THR A 96 32.68 -16.86 -6.00
CA THR A 96 31.71 -16.71 -7.09
C THR A 96 32.33 -16.46 -8.47
N ASN A 97 33.55 -15.91 -8.49
CA ASN A 97 34.22 -15.58 -9.74
C ASN A 97 35.22 -16.67 -10.17
N TYR A 98 35.16 -17.81 -9.49
CA TYR A 98 36.11 -18.89 -9.74
C TYR A 98 36.26 -19.25 -11.22
N GLN A 99 35.13 -19.53 -11.88
CA GLN A 99 35.17 -19.95 -13.27
C GLN A 99 35.65 -18.87 -14.23
N VAL A 100 35.33 -17.61 -13.95
CA VAL A 100 35.79 -16.53 -14.81
C VAL A 100 37.30 -16.42 -14.75
N VAL A 101 37.83 -16.49 -13.52
CA VAL A 101 39.25 -16.33 -13.29
C VAL A 101 40.06 -17.58 -13.61
N CYS A 102 39.43 -18.76 -13.48
CA CYS A 102 40.15 -20.03 -13.55
C CYS A 102 39.76 -20.94 -14.73
N LYS A 103 38.55 -20.76 -15.25
CA LYS A 103 38.05 -21.63 -16.32
C LYS A 103 37.66 -20.88 -17.59
N GLY A 104 38.03 -19.61 -17.66
CA GLY A 104 37.82 -18.82 -18.86
C GLY A 104 36.39 -18.41 -19.16
N GLU A 105 35.49 -18.60 -18.20
CA GLU A 105 34.09 -18.17 -18.39
C GLU A 105 33.93 -16.66 -18.29
N SER A 106 32.76 -16.18 -18.69
CA SER A 106 32.44 -14.76 -18.61
C SER A 106 31.56 -14.46 -17.40
N HIS A 107 31.72 -13.28 -16.81
CA HIS A 107 30.76 -12.80 -15.82
C HIS A 107 29.35 -12.82 -16.42
N TRP A 108 28.34 -13.04 -15.59
CA TRP A 108 26.96 -13.06 -16.07
C TRP A 108 26.56 -11.75 -16.74
N VAL A 109 27.04 -10.63 -16.20
CA VAL A 109 26.65 -9.32 -16.67
C VAL A 109 27.10 -9.09 -18.11
N ASP A 110 28.19 -9.73 -18.49
CA ASP A 110 28.75 -9.53 -19.82
C ASP A 110 28.04 -10.37 -20.88
N ASP A 111 27.22 -11.31 -20.43
CA ASP A 111 26.44 -12.13 -21.35
C ASP A 111 25.22 -11.41 -21.87
N ASP A 112 24.97 -11.58 -23.16
CA ASP A 112 23.79 -11.02 -23.78
C ASP A 112 22.53 -11.51 -23.07
N CYS A 113 21.53 -10.64 -23.00
CA CYS A 113 20.24 -11.04 -22.46
CA CYS A 113 20.22 -11.01 -22.48
C CYS A 113 19.55 -11.99 -23.44
N GLU A 114 18.96 -13.04 -22.91
CA GLU A 114 18.25 -14.01 -23.72
C GLU A 114 16.96 -14.39 -23.00
N GLU A 115 15.85 -14.31 -23.70
CA GLU A 115 14.58 -14.69 -23.11
C GLU A 115 14.63 -16.10 -22.51
N ILE A 116 14.12 -16.22 -21.28
CA ILE A 116 14.00 -17.52 -20.61
C ILE A 116 12.53 -17.96 -20.67
N ARG A 117 12.20 -18.79 -21.65
CA ARG A 117 10.80 -19.14 -21.91
C ARG A 117 10.26 -20.22 -20.97
N VAL A 118 11.14 -21.11 -20.52
CA VAL A 118 10.79 -22.12 -19.52
C VAL A 118 11.97 -22.28 -18.59
N PRO A 119 11.74 -22.76 -17.37
CA PRO A 119 12.89 -22.91 -16.48
C PRO A 119 13.87 -23.91 -17.07
N GLU A 120 15.16 -23.59 -17.00
CA GLU A 120 16.22 -24.49 -17.41
C GLU A 120 17.00 -24.88 -16.16
N CYS A 121 16.51 -25.91 -15.49
CA CYS A 121 17.06 -26.29 -14.18
C CYS A 121 17.76 -27.64 -14.24
N PRO A 122 18.74 -27.85 -13.37
CA PRO A 122 19.48 -29.11 -13.31
C PRO A 122 18.61 -30.26 -12.84
N ALA A 123 19.15 -31.48 -12.94
CA ALA A 123 18.47 -32.65 -12.45
C ALA A 123 18.18 -32.51 -10.97
N GLY A 124 16.95 -32.80 -10.57
CA GLY A 124 16.58 -32.78 -9.16
C GLY A 124 15.75 -31.58 -8.79
N PHE A 125 15.83 -30.53 -9.60
CA PHE A 125 15.01 -29.35 -9.39
C PHE A 125 13.61 -29.54 -9.98
N VAL A 126 12.58 -29.39 -9.14
CA VAL A 126 11.21 -29.65 -9.53
C VAL A 126 10.49 -28.35 -9.86
N ARG A 127 10.99 -27.25 -9.30
CA ARG A 127 10.41 -25.93 -9.52
C ARG A 127 11.53 -24.90 -9.42
N PRO A 128 11.35 -23.74 -10.09
CA PRO A 128 12.34 -22.66 -10.01
C PRO A 128 12.43 -22.13 -8.59
N PRO A 129 13.61 -22.19 -7.97
CA PRO A 129 13.72 -21.52 -6.66
C PRO A 129 13.42 -20.02 -6.79
N LEU A 130 13.04 -19.41 -5.67
CA LEU A 130 12.82 -17.97 -5.63
C LEU A 130 13.84 -17.33 -4.69
N ILE A 131 14.55 -16.31 -5.18
CA ILE A 131 15.50 -15.59 -4.35
C ILE A 131 15.04 -14.14 -4.25
N ILE A 132 14.80 -13.69 -3.03
CA ILE A 132 14.34 -12.32 -2.82
C ILE A 132 15.55 -11.54 -2.37
N PHE A 133 15.92 -10.53 -3.15
CA PHE A 133 17.12 -9.75 -2.89
C PHE A 133 16.64 -8.36 -2.46
N SER A 134 16.66 -8.09 -1.16
CA SER A 134 16.08 -6.85 -0.66
C SER A 134 17.16 -5.82 -0.35
N VAL A 135 16.92 -4.60 -0.77
CA VAL A 135 17.84 -3.53 -0.51
C VAL A 135 17.13 -2.45 0.31
N ASP A 136 17.82 -1.93 1.31
CA ASP A 136 17.20 -0.98 2.22
C ASP A 136 17.39 0.44 1.72
N GLY A 137 16.30 1.22 1.64
CA GLY A 137 16.42 2.62 1.31
C GLY A 137 16.78 2.90 -0.14
N PHE A 138 16.50 1.93 -1.01
CA PHE A 138 16.77 2.05 -2.43
C PHE A 138 15.66 2.85 -3.11
N ARG A 139 15.90 4.15 -3.26
CA ARG A 139 14.96 5.03 -3.94
C ARG A 139 14.77 4.64 -5.38
N ALA A 140 13.53 4.72 -5.86
CA ALA A 140 13.22 4.26 -7.20
C ALA A 140 14.11 4.95 -8.22
N SER A 141 14.35 6.24 -7.98
CA SER A 141 15.04 7.06 -8.97
C SER A 141 16.52 6.70 -9.09
N TYR A 142 17.05 5.94 -8.12
CA TYR A 142 18.45 5.51 -8.24
C TYR A 142 18.66 4.64 -9.46
N MET A 143 17.60 3.95 -9.89
CA MET A 143 17.71 3.07 -11.05
C MET A 143 18.17 3.82 -12.30
N LYS A 144 17.87 5.11 -12.35
CA LYS A 144 18.26 5.95 -13.49
C LYS A 144 19.77 6.01 -13.67
N LYS A 145 20.52 5.75 -12.60
CA LYS A 145 21.97 5.78 -12.68
C LYS A 145 22.47 4.73 -13.67
N GLY A 146 21.67 3.69 -13.88
CA GLY A 146 21.87 2.79 -15.00
C GLY A 146 23.12 1.94 -14.95
N SER A 147 23.48 1.36 -16.09
CA SER A 147 24.58 0.41 -16.15
C SER A 147 25.95 1.07 -15.92
N LYS A 148 25.99 2.40 -15.92
CA LYS A 148 27.23 3.09 -15.60
C LYS A 148 27.62 2.84 -14.15
N VAL A 149 26.61 2.71 -13.29
CA VAL A 149 26.88 2.54 -11.89
C VAL A 149 26.55 1.11 -11.46
N MET A 150 25.51 0.55 -12.06
CA MET A 150 24.93 -0.72 -11.60
C MET A 150 24.63 -1.66 -12.76
N PRO A 151 25.70 -2.18 -13.40
CA PRO A 151 25.50 -2.96 -14.62
C PRO A 151 24.69 -4.26 -14.42
N ASN A 152 24.95 -5.00 -13.35
CA ASN A 152 24.18 -6.21 -13.07
C ASN A 152 22.71 -5.91 -12.83
N ILE A 153 22.44 -4.92 -11.98
CA ILE A 153 21.06 -4.58 -11.69
C ILE A 153 20.35 -4.06 -12.94
N GLU A 154 21.09 -3.30 -13.74
CA GLU A 154 20.55 -2.81 -15.00
C GLU A 154 20.19 -3.93 -15.97
N LYS A 155 20.98 -5.01 -15.95
CA LYS A 155 20.64 -6.16 -16.78
C LYS A 155 19.35 -6.84 -16.27
N LEU A 156 19.26 -7.03 -14.96
CA LEU A 156 18.04 -7.58 -14.40
C LEU A 156 16.84 -6.73 -14.79
N ARG A 157 16.99 -5.41 -14.67
CA ARG A 157 15.89 -4.49 -14.92
C ARG A 157 15.46 -4.48 -16.38
N SER A 158 16.44 -4.35 -17.28
CA SER A 158 16.11 -4.19 -18.69
C SER A 158 15.67 -5.52 -19.31
N CYS A 159 16.23 -6.62 -18.82
CA CYS A 159 15.89 -7.91 -19.45
CA CYS A 159 15.95 -7.94 -19.41
C CYS A 159 14.70 -8.59 -18.82
N GLY A 160 14.43 -8.30 -17.55
CA GLY A 160 13.26 -8.88 -16.90
C GLY A 160 12.03 -8.00 -16.95
N THR A 161 11.27 -8.05 -15.85
CA THR A 161 10.05 -7.28 -15.65
C THR A 161 10.33 -6.23 -14.59
N HIS A 162 10.03 -4.97 -14.91
CA HIS A 162 10.29 -3.91 -13.94
C HIS A 162 9.11 -2.95 -13.87
N ALA A 163 8.91 -2.38 -12.69
CA ALA A 163 8.00 -1.25 -12.54
C ALA A 163 8.87 0.01 -12.43
N PRO A 164 8.33 1.17 -12.83
CA PRO A 164 9.07 2.43 -12.67
C PRO A 164 9.31 2.71 -11.20
N TYR A 165 8.41 2.23 -10.35
CA TYR A 165 8.58 2.28 -8.90
C TYR A 165 7.54 1.40 -8.22
N MET A 166 7.79 1.12 -6.95
CA MET A 166 6.85 0.37 -6.12
C MET A 166 6.53 1.23 -4.91
N ARG A 167 5.26 1.28 -4.53
CA ARG A 167 4.81 2.09 -3.40
C ARG A 167 4.93 1.28 -2.13
N PRO A 168 5.64 1.84 -1.13
CA PRO A 168 5.79 1.20 0.18
C PRO A 168 4.53 1.44 1.01
N VAL A 169 4.48 0.92 2.24
CA VAL A 169 3.38 1.29 3.14
C VAL A 169 3.84 2.38 4.09
N TYR A 170 2.86 3.09 4.65
CA TYR A 170 3.14 4.08 5.68
C TYR A 170 3.15 3.40 7.06
N PRO A 171 4.06 3.83 7.96
CA PRO A 171 5.14 4.80 7.70
C PRO A 171 6.25 4.18 6.86
N THR A 172 6.91 5.01 6.08
CA THR A 172 7.88 4.52 5.10
C THR A 172 9.26 4.27 5.73
N LYS A 173 9.27 3.38 6.71
CA LYS A 173 10.47 2.94 7.41
C LYS A 173 10.64 1.41 7.26
N THR A 174 11.78 0.93 7.70
CA THR A 174 12.19 -0.45 7.41
C THR A 174 11.34 -1.54 7.99
N PHE A 175 11.17 -1.55 9.31
CA PHE A 175 10.42 -2.66 9.93
C PHE A 175 9.00 -2.83 9.37
N PRO A 176 8.21 -1.74 9.32
CA PRO A 176 6.84 -1.91 8.82
C PRO A 176 6.85 -2.42 7.37
N ASN A 177 7.79 -1.95 6.57
CA ASN A 177 7.81 -2.37 5.18
C ASN A 177 8.35 -3.75 4.88
N LEU A 178 9.40 -4.15 5.56
CA LEU A 178 9.89 -5.50 5.33
C LEU A 178 8.82 -6.49 5.78
N TYR A 179 8.17 -6.23 6.91
CA TYR A 179 7.17 -7.22 7.34
C TYR A 179 5.92 -7.20 6.46
N THR A 180 5.59 -6.02 5.92
CA THR A 180 4.52 -5.95 4.92
C THR A 180 4.88 -6.78 3.68
N LEU A 181 6.09 -6.60 3.16
CA LEU A 181 6.54 -7.45 2.03
C LEU A 181 6.33 -8.94 2.36
N ALA A 182 6.66 -9.34 3.58
CA ALA A 182 6.63 -10.76 3.94
C ALA A 182 5.23 -11.31 4.17
N THR A 183 4.25 -10.43 4.41
CA THR A 183 2.92 -10.88 4.85
C THR A 183 1.76 -10.45 3.95
N GLY A 184 1.98 -9.46 3.10
CA GLY A 184 0.90 -8.90 2.33
C GLY A 184 -0.08 -8.07 3.16
N LEU A 185 0.29 -7.70 4.38
CA LEU A 185 -0.63 -7.00 5.27
C LEU A 185 -0.23 -5.54 5.51
N TYR A 186 -1.22 -4.67 5.73
CA TYR A 186 -0.94 -3.33 6.24
C TYR A 186 -0.36 -3.50 7.63
N PRO A 187 0.54 -2.58 8.02
CA PRO A 187 1.08 -2.57 9.39
C PRO A 187 -0.02 -2.64 10.46
N GLU A 188 -1.18 -2.02 10.25
CA GLU A 188 -2.20 -1.96 11.31
C GLU A 188 -2.70 -3.37 11.58
N SER A 189 -2.53 -4.23 10.58
CA SER A 189 -2.95 -5.61 10.67
C SER A 189 -1.82 -6.53 11.13
N HIS A 190 -0.62 -6.40 10.55
CA HIS A 190 0.50 -7.23 11.03
C HIS A 190 1.11 -6.87 12.39
N GLY A 191 0.90 -5.62 12.81
CA GLY A 191 1.28 -5.16 14.12
C GLY A 191 2.59 -4.39 14.25
N ILE A 192 3.44 -4.44 13.23
CA ILE A 192 4.71 -3.74 13.27
C ILE A 192 4.45 -2.37 12.67
N VAL A 193 3.86 -1.49 13.50
CA VAL A 193 3.36 -0.21 13.02
C VAL A 193 4.44 0.88 13.00
N GLY A 194 5.61 0.57 13.55
CA GLY A 194 6.77 1.45 13.43
C GLY A 194 8.07 0.70 13.70
N ASN A 195 9.21 1.34 13.48
CA ASN A 195 10.49 0.77 13.90
C ASN A 195 10.55 0.73 15.42
N SER A 196 9.78 1.62 16.04
CA SER A 196 9.65 1.67 17.48
C SER A 196 8.16 1.77 17.75
N MET A 197 7.68 1.08 18.78
CA MET A 197 6.30 1.24 19.17
C MET A 197 6.05 0.84 20.63
N TYR A 198 4.98 1.39 21.19
CA TYR A 198 4.58 1.06 22.54
C TYR A 198 3.26 0.33 22.52
N ASP A 199 3.21 -0.86 23.14
CA ASP A 199 1.93 -1.55 23.26
C ASP A 199 1.37 -1.38 24.68
N PRO A 200 0.22 -0.70 24.80
CA PRO A 200 -0.33 -0.31 26.10
C PRO A 200 -0.84 -1.52 26.90
N VAL A 201 -1.16 -2.61 26.21
CA VAL A 201 -1.57 -3.85 26.89
C VAL A 201 -0.36 -4.64 27.41
N PHE A 202 0.68 -4.79 26.58
CA PHE A 202 1.92 -5.38 27.05
C PHE A 202 2.59 -4.47 28.08
N ASP A 203 2.25 -3.19 28.01
CA ASP A 203 3.04 -2.15 28.66
C ASP A 203 4.51 -2.39 28.37
N ALA A 204 4.85 -2.48 27.09
CA ALA A 204 6.21 -2.77 26.71
C ALA A 204 6.55 -2.04 25.43
N THR A 205 7.85 -1.86 25.19
CA THR A 205 8.30 -1.08 24.06
C THR A 205 9.19 -1.90 23.14
N PHE A 206 8.87 -1.85 21.86
CA PHE A 206 9.57 -2.53 20.79
C PHE A 206 10.53 -1.52 20.18
N HIS A 207 11.81 -1.86 20.10
CA HIS A 207 12.81 -1.00 19.45
C HIS A 207 13.56 -1.74 18.37
N LEU A 208 13.92 -1.03 17.30
CA LEU A 208 14.66 -1.61 16.19
C LEU A 208 15.94 -2.29 16.71
N ARG A 209 16.53 -1.68 17.74
CA ARG A 209 17.70 -2.26 18.41
C ARG A 209 17.33 -2.59 19.85
N GLY A 210 17.60 -3.83 20.27
CA GLY A 210 17.18 -4.29 21.59
C GLY A 210 16.56 -5.68 21.52
N ARG A 211 16.34 -6.29 22.68
CA ARG A 211 15.91 -7.68 22.76
C ARG A 211 14.40 -7.92 22.56
N GLU A 212 13.58 -6.99 23.03
CA GLU A 212 12.12 -7.17 23.02
C GLU A 212 11.55 -7.58 21.66
N LYS A 213 12.15 -7.08 20.59
CA LYS A 213 11.68 -7.36 19.23
C LYS A 213 11.71 -8.84 18.91
N PHE A 214 12.48 -9.61 19.67
CA PHE A 214 12.60 -11.04 19.43
C PHE A 214 11.41 -11.83 19.97
N ASN A 215 10.65 -11.20 20.86
CA ASN A 215 9.42 -11.81 21.36
C ASN A 215 8.38 -11.90 20.25
N HIS A 216 7.78 -13.09 20.06
CA HIS A 216 6.86 -13.31 18.96
C HIS A 216 5.48 -12.65 19.13
N ARG A 217 5.19 -12.18 20.34
CA ARG A 217 3.90 -11.57 20.59
C ARG A 217 3.68 -10.33 19.70
N TRP A 218 4.76 -9.71 19.24
CA TRP A 218 4.64 -8.49 18.42
C TRP A 218 4.21 -8.75 16.98
N TRP A 219 4.54 -9.94 16.49
CA TRP A 219 4.48 -10.23 15.06
C TRP A 219 3.21 -10.96 14.61
N GLY A 220 2.30 -10.25 13.93
CA GLY A 220 1.05 -10.82 13.47
C GLY A 220 1.07 -11.35 12.05
N GLY A 221 -0.10 -11.82 11.59
CA GLY A 221 -0.24 -12.34 10.24
C GLY A 221 0.57 -13.61 10.06
N GLN A 222 0.87 -13.95 8.81
CA GLN A 222 1.64 -15.15 8.52
C GLN A 222 2.66 -14.84 7.44
N PRO A 223 3.93 -14.67 7.83
CA PRO A 223 4.98 -14.30 6.88
C PRO A 223 5.29 -15.45 5.90
N LEU A 224 5.84 -15.10 4.74
CA LEU A 224 6.11 -16.06 3.66
C LEU A 224 6.81 -17.34 4.12
N TRP A 225 7.79 -17.22 5.01
CA TRP A 225 8.53 -18.42 5.42
C TRP A 225 7.67 -19.41 6.20
N ILE A 226 6.76 -18.90 7.03
CA ILE A 226 5.80 -19.75 7.72
C ILE A 226 4.78 -20.36 6.75
N THR A 227 4.28 -19.56 5.83
CA THR A 227 3.35 -20.05 4.83
C THR A 227 3.98 -21.18 4.03
N ALA A 228 5.24 -21.00 3.66
CA ALA A 228 5.94 -22.01 2.89
C ALA A 228 6.06 -23.27 3.74
N THR A 229 6.55 -23.10 4.96
CA THR A 229 6.79 -24.23 5.84
C THR A 229 5.51 -25.04 6.09
N LYS A 230 4.43 -24.35 6.43
CA LYS A 230 3.16 -25.02 6.69
C LYS A 230 2.63 -25.81 5.49
N GLN A 231 3.08 -25.44 4.29
CA GLN A 231 2.64 -26.14 3.09
C GLN A 231 3.75 -27.04 2.53
N GLY A 232 4.72 -27.38 3.37
CA GLY A 232 5.75 -28.33 3.00
C GLY A 232 6.74 -27.82 1.97
N VAL A 233 6.93 -26.50 1.93
CA VAL A 233 7.96 -25.91 1.08
C VAL A 233 9.07 -25.36 1.98
N ARG A 234 10.30 -25.73 1.69
CA ARG A 234 11.39 -25.36 2.58
C ARG A 234 11.92 -23.97 2.29
N ALA A 235 12.07 -23.17 3.34
CA ALA A 235 12.57 -21.80 3.22
C ALA A 235 13.98 -21.69 3.77
N GLY A 236 14.84 -20.94 3.08
CA GLY A 236 16.10 -20.52 3.64
C GLY A 236 15.82 -19.50 4.74
N THR A 237 16.86 -18.98 5.38
CA THR A 237 16.67 -17.97 6.41
C THR A 237 16.16 -16.66 5.82
N PHE A 238 15.35 -15.95 6.58
CA PHE A 238 14.93 -14.63 6.15
C PHE A 238 15.50 -13.60 7.10
N PHE A 239 16.44 -14.04 7.92
CA PHE A 239 17.11 -13.15 8.84
C PHE A 239 18.62 -13.38 8.73
N TRP A 240 19.38 -12.30 8.75
CA TRP A 240 20.83 -12.40 8.82
C TRP A 240 21.35 -11.53 9.94
N SER A 241 22.25 -12.08 10.75
CA SER A 241 22.89 -11.30 11.80
CA SER A 241 22.91 -11.32 11.80
C SER A 241 23.74 -10.20 11.16
N VAL A 242 23.66 -9.01 11.73
CA VAL A 242 24.35 -7.85 11.17
C VAL A 242 25.85 -8.09 10.99
N SER A 243 26.41 -9.01 11.77
CA SER A 243 27.85 -9.23 11.74
C SER A 243 28.31 -10.11 10.57
N ILE A 244 27.39 -10.77 9.90
CA ILE A 244 27.71 -11.62 8.76
C ILE A 244 27.82 -10.77 7.50
N PRO A 245 29.02 -10.71 6.90
CA PRO A 245 29.23 -9.84 5.73
C PRO A 245 28.44 -10.30 4.51
N HIS A 246 28.10 -9.35 3.63
CA HIS A 246 27.24 -9.66 2.49
C HIS A 246 27.76 -10.81 1.63
N GLU A 247 29.08 -10.81 1.42
CA GLU A 247 29.70 -11.86 0.60
C GLU A 247 29.45 -13.26 1.18
N ARG A 248 29.42 -13.35 2.51
CA ARG A 248 29.12 -14.61 3.19
C ARG A 248 27.63 -14.98 3.08
N ARG A 249 26.75 -13.98 3.10
CA ARG A 249 25.34 -14.26 2.90
C ARG A 249 25.13 -14.85 1.52
N ILE A 250 25.79 -14.28 0.53
CA ILE A 250 25.72 -14.79 -0.83
C ILE A 250 26.32 -16.21 -0.96
N LEU A 251 27.52 -16.42 -0.42
CA LEU A 251 28.11 -17.76 -0.45
C LEU A 251 27.22 -18.80 0.26
N THR A 252 26.60 -18.38 1.36
CA THR A 252 25.67 -19.25 2.08
C THR A 252 24.47 -19.64 1.25
N ILE A 253 23.84 -18.68 0.57
CA ILE A 253 22.70 -18.99 -0.28
C ILE A 253 23.12 -19.98 -1.38
N LEU A 254 24.28 -19.73 -1.97
CA LEU A 254 24.76 -20.60 -3.04
C LEU A 254 25.06 -22.01 -2.51
N GLN A 255 25.60 -22.08 -1.30
CA GLN A 255 25.87 -23.35 -0.64
C GLN A 255 24.57 -24.12 -0.38
N TRP A 256 23.56 -23.42 0.13
CA TRP A 256 22.26 -24.05 0.33
C TRP A 256 21.68 -24.58 -0.99
N LEU A 257 21.86 -23.83 -2.07
CA LEU A 257 21.37 -24.27 -3.38
C LEU A 257 22.10 -25.49 -3.94
N SER A 258 23.26 -25.80 -3.36
CA SER A 258 24.05 -26.96 -3.78
C SER A 258 23.75 -28.17 -2.93
N LEU A 259 22.82 -28.03 -1.97
CA LEU A 259 22.49 -29.11 -1.05
C LEU A 259 21.83 -30.27 -1.78
N PRO A 260 21.82 -31.45 -1.14
CA PRO A 260 21.07 -32.59 -1.68
C PRO A 260 19.60 -32.23 -1.93
N ASP A 261 19.01 -32.85 -2.95
CA ASP A 261 17.61 -32.61 -3.28
C ASP A 261 16.69 -32.61 -2.04
N ASN A 262 16.96 -33.49 -1.07
CA ASN A 262 16.06 -33.60 0.07
C ASN A 262 16.32 -32.60 1.19
N GLU A 263 17.27 -31.69 1.00
CA GLU A 263 17.51 -30.67 2.01
C GLU A 263 17.37 -29.25 1.44
N ARG A 264 17.47 -29.12 0.13
CA ARG A 264 17.60 -27.82 -0.52
C ARG A 264 16.34 -26.95 -0.40
N PRO A 265 16.49 -25.70 0.09
CA PRO A 265 15.31 -24.82 0.16
C PRO A 265 14.78 -24.37 -1.21
N SER A 266 13.52 -23.97 -1.26
CA SER A 266 12.92 -23.44 -2.48
C SER A 266 12.91 -21.91 -2.51
N VAL A 267 12.96 -21.29 -1.33
CA VAL A 267 12.93 -19.83 -1.25
C VAL A 267 14.05 -19.31 -0.37
N TYR A 268 14.65 -18.20 -0.82
CA TYR A 268 15.81 -17.60 -0.19
C TYR A 268 15.58 -16.11 -0.13
N ALA A 269 16.18 -15.49 0.88
CA ALA A 269 16.18 -14.04 1.00
C ALA A 269 17.59 -13.55 1.31
N PHE A 270 17.97 -12.48 0.61
CA PHE A 270 19.17 -11.74 0.93
C PHE A 270 18.70 -10.34 1.34
N TYR A 271 19.41 -9.75 2.28
CA TYR A 271 19.13 -8.38 2.71
C TYR A 271 20.42 -7.57 2.81
N SER A 272 20.37 -6.35 2.29
CA SER A 272 21.45 -5.38 2.44
C SER A 272 20.95 -4.13 3.12
N GLU A 273 21.69 -3.65 4.11
CA GLU A 273 21.33 -2.43 4.83
C GLU A 273 21.63 -1.17 4.00
N GLN A 274 22.32 -1.36 2.88
CA GLN A 274 22.58 -0.26 1.95
C GLN A 274 21.56 -0.29 0.80
N PRO A 275 21.33 0.86 0.14
CA PRO A 275 22.01 2.15 0.32
C PRO A 275 21.39 3.05 1.40
N ASP A 276 20.58 2.49 2.29
CA ASP A 276 19.95 3.26 3.35
C ASP A 276 20.96 4.01 4.21
N PHE A 277 21.97 3.30 4.71
CA PHE A 277 22.90 3.95 5.62
C PHE A 277 23.58 5.15 5.01
N SER A 278 24.11 4.99 3.80
CA SER A 278 24.74 6.12 3.12
C SER A 278 23.74 7.23 2.75
N GLY A 279 22.50 6.84 2.45
CA GLY A 279 21.46 7.83 2.19
C GLY A 279 21.23 8.76 3.36
N HIS A 280 21.10 8.20 4.56
CA HIS A 280 21.01 9.01 5.78
C HIS A 280 22.18 9.97 5.93
N LYS A 281 23.38 9.47 5.75
CA LYS A 281 24.59 10.28 5.96
C LYS A 281 24.75 11.39 4.94
N TYR A 282 24.46 11.08 3.68
CA TYR A 282 24.83 11.96 2.57
C TYR A 282 23.67 12.56 1.79
N GLY A 283 22.45 12.08 2.05
CA GLY A 283 21.30 12.51 1.26
C GLY A 283 21.22 11.73 -0.04
N PRO A 284 20.04 11.69 -0.67
CA PRO A 284 19.83 10.83 -1.85
C PRO A 284 20.58 11.30 -3.09
N PHE A 285 20.87 12.60 -3.19
CA PHE A 285 21.52 13.12 -4.40
C PHE A 285 23.02 13.37 -4.19
N GLY A 286 23.54 12.90 -3.07
CA GLY A 286 24.95 13.10 -2.75
C GLY A 286 25.84 12.36 -3.73
N PRO A 287 27.01 12.94 -4.06
CA PRO A 287 27.94 12.19 -4.91
C PRO A 287 28.42 10.94 -4.19
N GLU A 288 28.37 10.97 -2.86
CA GLU A 288 28.83 9.83 -2.07
C GLU A 288 27.96 8.58 -2.24
N MET A 289 26.79 8.73 -2.88
CA MET A 289 25.86 7.60 -3.07
C MET A 289 26.33 6.62 -4.13
N THR A 290 27.26 7.06 -4.96
CA THR A 290 27.73 6.21 -6.05
C THR A 290 28.41 4.95 -5.51
N ASN A 291 29.29 5.10 -4.54
CA ASN A 291 30.04 3.95 -4.03
C ASN A 291 29.14 2.83 -3.49
N PRO A 292 28.19 3.17 -2.59
CA PRO A 292 27.34 2.07 -2.08
C PRO A 292 26.49 1.42 -3.16
N LEU A 293 26.07 2.19 -4.16
CA LEU A 293 25.32 1.61 -5.26
C LEU A 293 26.21 0.65 -6.07
N ARG A 294 27.47 1.03 -6.24
CA ARG A 294 28.41 0.15 -6.91
C ARG A 294 28.61 -1.14 -6.11
N GLU A 295 28.64 -1.02 -4.79
CA GLU A 295 28.88 -2.19 -3.94
C GLU A 295 27.71 -3.16 -4.00
N ILE A 296 26.48 -2.65 -3.95
CA ILE A 296 25.30 -3.51 -4.08
C ILE A 296 25.32 -4.24 -5.41
N ASP A 297 25.68 -3.52 -6.48
CA ASP A 297 25.66 -4.14 -7.79
C ASP A 297 26.68 -5.26 -7.86
N LYS A 298 27.81 -5.03 -7.21
CA LYS A 298 28.87 -6.04 -7.13
C LYS A 298 28.35 -7.30 -6.45
N THR A 299 27.59 -7.12 -5.37
CA THR A 299 26.98 -8.23 -4.66
C THR A 299 25.99 -8.98 -5.55
N VAL A 300 25.16 -8.23 -6.27
CA VAL A 300 24.26 -8.85 -7.24
C VAL A 300 25.03 -9.67 -8.28
N GLY A 301 26.19 -9.16 -8.72
CA GLY A 301 27.01 -9.88 -9.69
C GLY A 301 27.60 -11.16 -9.12
N GLN A 302 27.98 -11.10 -7.84
CA GLN A 302 28.47 -12.31 -7.18
C GLN A 302 27.36 -13.35 -7.18
N LEU A 303 26.14 -12.94 -6.85
CA LEU A 303 25.02 -13.87 -6.85
C LEU A 303 24.78 -14.45 -8.23
N MET A 304 24.76 -13.59 -9.26
CA MET A 304 24.47 -14.08 -10.60
C MET A 304 25.62 -14.94 -11.17
N ASP A 305 26.86 -14.52 -10.95
CA ASP A 305 28.04 -15.34 -11.30
C ASP A 305 27.99 -16.70 -10.62
N GLY A 306 27.66 -16.68 -9.32
CA GLY A 306 27.51 -17.91 -8.56
C GLY A 306 26.42 -18.80 -9.10
N LEU A 307 25.28 -18.20 -9.43
CA LEU A 307 24.18 -18.98 -9.98
C LEU A 307 24.56 -19.59 -11.33
N LYS A 308 25.25 -18.81 -12.14
CA LYS A 308 25.71 -19.29 -13.44
C LYS A 308 26.63 -20.49 -13.24
N GLN A 309 27.52 -20.40 -12.26
CA GLN A 309 28.44 -21.48 -11.91
C GLN A 309 27.72 -22.76 -11.52
N LEU A 310 26.51 -22.61 -11.02
CA LEU A 310 25.71 -23.71 -10.55
C LEU A 310 24.73 -24.15 -11.61
N LYS A 311 24.79 -23.50 -12.77
CA LYS A 311 23.89 -23.75 -13.88
C LYS A 311 22.45 -23.44 -13.50
N LEU A 312 22.30 -22.42 -12.67
CA LEU A 312 20.99 -22.00 -12.15
C LEU A 312 20.51 -20.64 -12.69
N HIS A 313 21.37 -19.96 -13.45
CA HIS A 313 21.07 -18.58 -13.87
C HIS A 313 19.85 -18.47 -14.77
N ARG A 314 19.40 -19.58 -15.33
CA ARG A 314 18.22 -19.59 -16.18
C ARG A 314 17.16 -20.50 -15.57
N CYS A 315 17.30 -20.72 -14.27
CA CYS A 315 16.43 -21.60 -13.50
C CYS A 315 15.66 -20.85 -12.41
N VAL A 316 16.36 -19.96 -11.70
CA VAL A 316 15.85 -19.29 -10.52
C VAL A 316 15.07 -18.02 -10.88
N ASN A 317 14.03 -17.72 -10.10
CA ASN A 317 13.40 -16.42 -10.19
C ASN A 317 14.00 -15.51 -9.15
N VAL A 318 14.40 -14.31 -9.57
CA VAL A 318 14.99 -13.33 -8.68
C VAL A 318 14.10 -12.10 -8.55
N ILE A 319 13.83 -11.68 -7.31
CA ILE A 319 13.12 -10.43 -7.09
C ILE A 319 14.10 -9.45 -6.47
N PHE A 320 14.28 -8.31 -7.13
CA PHE A 320 15.11 -7.25 -6.56
C PHE A 320 14.16 -6.18 -6.06
N VAL A 321 14.17 -5.92 -4.76
CA VAL A 321 13.10 -5.12 -4.20
C VAL A 321 13.55 -4.27 -3.01
N GLY A 322 13.07 -3.03 -2.94
CA GLY A 322 13.42 -2.14 -1.85
C GLY A 322 12.30 -2.03 -0.84
N ASP A 323 12.61 -1.48 0.33
CA ASP A 323 11.60 -1.30 1.36
C ASP A 323 11.00 0.13 1.37
N HIS A 324 11.79 1.11 0.95
CA HIS A 324 11.34 2.49 0.86
C HIS A 324 12.44 3.32 0.24
N GLY A 325 12.13 4.57 -0.05
CA GLY A 325 13.09 5.51 -0.59
C GLY A 325 13.84 6.36 0.42
N MET A 326 14.24 7.54 -0.02
CA MET A 326 15.10 8.42 0.76
C MET A 326 14.89 9.86 0.30
N GLU A 327 14.79 10.78 1.25
CA GLU A 327 14.52 12.18 0.94
C GLU A 327 15.64 13.05 1.50
N ASP A 328 15.80 14.26 0.96
CA ASP A 328 16.70 15.25 1.55
C ASP A 328 16.09 15.79 2.84
N VAL A 329 16.75 15.54 3.97
CA VAL A 329 16.30 15.99 5.29
C VAL A 329 17.54 16.40 6.08
N THR A 330 17.58 17.62 6.58
CA THR A 330 18.73 18.09 7.35
C THR A 330 18.30 18.69 8.69
N CYS A 331 19.26 18.91 9.57
CA CYS A 331 19.03 19.50 10.89
C CYS A 331 18.28 20.83 10.81
N ASP A 332 18.60 21.64 9.81
CA ASP A 332 18.02 22.97 9.68
C ASP A 332 16.52 22.97 9.42
N ARG A 333 15.98 21.82 9.03
CA ARG A 333 14.55 21.73 8.75
C ARG A 333 13.83 20.87 9.80
N THR A 334 13.87 21.33 11.04
CA THR A 334 13.21 20.66 12.15
C THR A 334 12.18 21.55 12.84
N GLU A 335 10.92 21.12 12.85
CA GLU A 335 9.91 21.75 13.68
C GLU A 335 10.03 21.27 15.13
N PHE A 336 9.83 22.17 16.09
CA PHE A 336 9.85 21.79 17.50
C PHE A 336 8.49 21.97 18.14
N LEU A 337 7.97 20.92 18.78
CA LEU A 337 6.69 21.00 19.47
C LEU A 337 6.69 22.05 20.60
N SER A 338 7.86 22.29 21.18
CA SER A 338 8.01 23.26 22.25
C SER A 338 7.63 24.68 21.80
N ASN A 339 7.64 24.90 20.48
CA ASN A 339 7.21 26.17 19.93
C ASN A 339 5.70 26.33 19.96
N TYR A 340 4.99 25.23 20.17
CA TYR A 340 3.53 25.19 20.06
C TYR A 340 2.89 24.85 21.40
N LEU A 341 3.61 24.09 22.20
CA LEU A 341 3.03 23.53 23.41
C LEU A 341 3.84 23.96 24.62
N THR A 342 3.13 24.18 25.73
CA THR A 342 3.74 24.75 26.91
C THR A 342 4.62 23.77 27.67
N ASN A 343 4.22 22.50 27.72
CA ASN A 343 5.00 21.51 28.46
C ASN A 343 5.28 20.21 27.72
N VAL A 344 6.27 20.24 26.83
CA VAL A 344 6.60 19.06 26.04
C VAL A 344 7.29 17.97 26.86
N ASP A 345 7.75 18.31 28.06
CA ASP A 345 8.41 17.33 28.90
C ASP A 345 7.42 16.30 29.45
N ASP A 346 6.13 16.57 29.31
CA ASP A 346 5.08 15.65 29.78
C ASP A 346 4.56 14.68 28.68
N ILE A 347 5.07 14.81 27.47
CA ILE A 347 4.66 13.91 26.40
C ILE A 347 5.85 13.14 25.88
N THR A 348 5.56 11.97 25.31
CA THR A 348 6.55 11.20 24.59
C THR A 348 6.18 11.32 23.13
N LEU A 349 7.17 11.62 22.31
CA LEU A 349 6.96 11.79 20.88
C LEU A 349 7.80 10.79 20.13
N VAL A 350 7.16 9.97 19.29
CA VAL A 350 7.89 9.24 18.27
C VAL A 350 8.16 10.25 17.18
N PRO A 351 9.44 10.62 16.97
CA PRO A 351 9.73 11.82 16.21
C PRO A 351 10.25 11.56 14.81
N GLY A 352 10.56 12.66 14.13
CA GLY A 352 11.27 12.60 12.87
C GLY A 352 10.39 12.89 11.68
N THR A 353 10.32 11.93 10.76
CA THR A 353 9.57 12.10 9.52
C THR A 353 8.08 11.74 9.68
N LEU A 354 7.69 11.46 10.92
CA LEU A 354 6.29 11.28 11.32
C LEU A 354 6.26 11.64 12.79
N GLY A 355 5.07 11.88 13.34
CA GLY A 355 4.95 12.04 14.78
C GLY A 355 3.85 11.17 15.36
N ARG A 356 4.13 10.52 16.50
CA ARG A 356 3.09 9.86 17.28
C ARG A 356 3.26 10.37 18.72
N ILE A 357 2.17 10.81 19.32
CA ILE A 357 2.23 11.46 20.62
C ILE A 357 1.38 10.70 21.65
N ARG A 358 1.96 10.47 22.83
CA ARG A 358 1.24 9.91 23.96
C ARG A 358 1.79 10.58 25.23
N PRO A 359 1.09 10.49 26.35
CA PRO A 359 1.66 11.03 27.59
C PRO A 359 2.94 10.28 27.97
N LYS A 360 3.94 10.99 28.51
CA LYS A 360 5.16 10.35 28.96
C LYS A 360 4.84 9.25 29.97
N ILE A 361 3.90 9.56 30.86
CA ILE A 361 3.43 8.58 31.82
C ILE A 361 2.19 7.91 31.24
N PRO A 362 2.26 6.60 31.01
CA PRO A 362 1.14 5.91 30.39
C PRO A 362 -0.15 6.19 31.15
N ASN A 363 -1.19 6.50 30.40
CA ASN A 363 -2.52 6.70 30.96
C ASN A 363 -2.61 7.94 31.87
N ASN A 364 -1.63 8.82 31.79
CA ASN A 364 -1.62 10.02 32.63
C ASN A 364 -2.90 10.80 32.44
N LEU A 365 -3.64 10.97 33.54
CA LEU A 365 -4.98 11.55 33.48
C LEU A 365 -4.99 13.02 33.03
N LYS A 366 -3.88 13.71 33.23
CA LYS A 366 -3.81 15.14 32.87
C LYS A 366 -3.53 15.38 31.39
N TYR A 367 -3.25 14.30 30.66
CA TYR A 367 -3.10 14.38 29.22
C TYR A 367 -4.36 15.02 28.59
N ASP A 368 -4.17 16.07 27.78
CA ASP A 368 -5.27 16.85 27.23
C ASP A 368 -5.20 16.91 25.71
N PRO A 369 -5.56 15.81 25.03
CA PRO A 369 -5.35 15.73 23.59
C PRO A 369 -6.09 16.80 22.77
N LYS A 370 -7.31 17.18 23.15
CA LYS A 370 -7.98 18.25 22.42
C LYS A 370 -7.24 19.59 22.50
N ALA A 371 -6.69 19.93 23.65
CA ALA A 371 -5.94 21.18 23.77
C ALA A 371 -4.63 21.10 22.98
N ILE A 372 -3.99 19.94 23.04
CA ILE A 372 -2.77 19.75 22.28
C ILE A 372 -3.03 19.92 20.80
N ILE A 373 -4.01 19.19 20.26
CA ILE A 373 -4.33 19.31 18.85
C ILE A 373 -4.68 20.75 18.48
N ALA A 374 -5.43 21.41 19.35
CA ALA A 374 -5.78 22.82 19.09
C ALA A 374 -4.53 23.68 18.88
N ASN A 375 -3.56 23.56 19.78
CA ASN A 375 -2.30 24.30 19.69
C ASN A 375 -1.40 23.91 18.51
N LEU A 376 -1.69 22.77 17.88
CA LEU A 376 -0.91 22.26 16.76
C LEU A 376 -1.56 22.52 15.42
N THR A 377 -2.74 23.15 15.44
CA THR A 377 -3.53 23.29 14.22
C THR A 377 -3.38 24.64 13.55
N CYS A 378 -2.71 24.66 12.40
CA CYS A 378 -2.58 25.89 11.60
C CYS A 378 -2.10 27.11 12.39
N LYS A 379 -1.00 26.94 13.12
CA LYS A 379 -0.48 27.99 13.98
C LYS A 379 0.68 28.76 13.38
N LYS A 380 1.30 28.21 12.33
CA LYS A 380 2.31 28.94 11.55
C LYS A 380 1.90 28.91 10.10
N PRO A 381 2.14 30.02 9.38
CA PRO A 381 1.80 30.07 7.96
C PRO A 381 2.46 28.94 7.17
N ASP A 382 3.71 28.64 7.49
CA ASP A 382 4.45 27.67 6.70
C ASP A 382 4.61 26.33 7.44
N GLN A 383 3.74 26.07 8.40
CA GLN A 383 3.84 24.93 9.29
C GLN A 383 4.15 23.64 8.52
N HIS A 384 5.19 22.93 8.93
CA HIS A 384 5.68 21.79 8.14
C HIS A 384 5.25 20.42 8.67
N PHE A 385 4.12 20.40 9.37
CA PHE A 385 3.44 19.16 9.73
C PHE A 385 1.97 19.48 9.96
N LYS A 386 1.15 18.44 10.07
CA LYS A 386 -0.28 18.63 10.35
C LYS A 386 -0.75 17.55 11.32
N PRO A 387 -1.39 17.96 12.43
CA PRO A 387 -1.87 16.97 13.39
C PRO A 387 -3.18 16.33 12.91
N TYR A 388 -3.33 15.03 13.21
CA TYR A 388 -4.54 14.28 12.91
C TYR A 388 -4.84 13.37 14.08
N MET A 389 -6.10 13.30 14.51
CA MET A 389 -6.53 12.12 15.22
C MET A 389 -6.46 11.00 14.18
N LYS A 390 -6.03 9.80 14.59
CA LYS A 390 -5.72 8.74 13.60
C LYS A 390 -6.90 8.38 12.69
N GLN A 391 -8.12 8.49 13.20
CA GLN A 391 -9.31 8.18 12.39
C GLN A 391 -9.51 9.18 11.26
N HIS A 392 -8.86 10.34 11.37
CA HIS A 392 -8.97 11.36 10.34
C HIS A 392 -7.87 11.30 9.29
N LEU A 393 -6.89 10.44 9.49
CA LEU A 393 -5.83 10.28 8.47
C LEU A 393 -6.45 9.79 7.18
N PRO A 394 -5.90 10.18 6.03
CA PRO A 394 -6.40 9.65 4.75
C PRO A 394 -6.54 8.13 4.82
N LYS A 395 -7.67 7.64 4.34
CA LYS A 395 -7.99 6.23 4.44
C LYS A 395 -7.01 5.37 3.64
N ARG A 396 -6.43 5.95 2.59
CA ARG A 396 -5.48 5.21 1.75
C ARG A 396 -4.25 4.75 2.55
N LEU A 397 -3.97 5.43 3.67
CA LEU A 397 -2.85 5.05 4.53
C LEU A 397 -3.13 3.80 5.37
N HIS A 398 -4.41 3.51 5.61
CA HIS A 398 -4.79 2.31 6.38
C HIS A 398 -4.04 2.24 7.70
N TYR A 399 -3.98 3.36 8.40
CA TYR A 399 -3.09 3.46 9.55
C TYR A 399 -3.82 3.90 10.81
N ALA A 400 -4.73 3.07 11.31
CA ALA A 400 -5.50 3.48 12.48
C ALA A 400 -5.94 2.30 13.36
N ASN A 401 -6.23 1.17 12.73
CA ASN A 401 -6.84 0.06 13.47
C ASN A 401 -5.84 -0.84 14.20
N ASN A 402 -5.11 -0.27 15.17
CA ASN A 402 -4.18 -1.04 15.97
C ASN A 402 -3.96 -0.28 17.28
N ARG A 403 -3.92 -0.99 18.41
CA ARG A 403 -3.71 -0.32 19.69
C ARG A 403 -2.32 0.32 19.86
N ARG A 404 -1.37 -0.07 19.03
CA ARG A 404 -0.02 0.46 19.11
C ARG A 404 0.11 1.76 18.32
N ILE A 405 -0.95 2.14 17.64
CA ILE A 405 -0.94 3.42 16.94
C ILE A 405 -1.58 4.47 17.85
N GLU A 406 -0.77 5.41 18.32
CA GLU A 406 -1.29 6.49 19.16
C GLU A 406 -2.45 7.23 18.49
N ASP A 407 -3.42 7.67 19.29
CA ASP A 407 -4.54 8.46 18.80
C ASP A 407 -4.06 9.70 18.03
N LEU A 408 -3.08 10.40 18.58
CA LEU A 408 -2.59 11.65 17.98
C LEU A 408 -1.42 11.38 17.05
N HIS A 409 -1.56 11.79 15.79
CA HIS A 409 -0.51 11.58 14.80
C HIS A 409 -0.12 12.91 14.17
N LEU A 410 1.13 13.03 13.74
CA LEU A 410 1.55 14.17 12.95
C LEU A 410 2.03 13.67 11.59
N LEU A 411 1.34 14.08 10.53
CA LEU A 411 1.84 13.88 9.18
C LEU A 411 2.81 15.00 8.90
N VAL A 412 4.06 14.63 8.60
CA VAL A 412 5.10 15.63 8.44
C VAL A 412 5.36 15.92 6.95
N GLU A 413 5.67 17.17 6.63
CA GLU A 413 5.92 17.56 5.25
C GLU A 413 7.24 16.96 4.78
N ARG A 414 7.29 16.48 3.54
CA ARG A 414 8.53 15.93 2.99
C ARG A 414 9.68 16.93 3.18
N ARG A 415 10.88 16.40 3.47
CA ARG A 415 12.09 17.21 3.67
C ARG A 415 12.21 17.78 5.09
N TRP A 416 11.17 17.58 5.89
CA TRP A 416 11.18 18.06 7.29
C TRP A 416 11.21 17.00 8.37
N HIS A 417 11.63 17.43 9.56
CA HIS A 417 11.54 16.66 10.79
C HIS A 417 10.66 17.39 11.81
N VAL A 418 10.00 16.62 12.67
CA VAL A 418 9.40 17.16 13.88
C VAL A 418 10.10 16.56 15.10
N ALA A 419 10.40 17.41 16.08
CA ALA A 419 11.05 16.97 17.29
C ALA A 419 10.35 17.59 18.48
N ARG A 420 10.60 17.06 19.67
CA ARG A 420 9.91 17.54 20.85
C ARG A 420 10.43 18.94 21.23
N LYS A 421 11.75 19.11 21.24
CA LYS A 421 12.35 20.40 21.61
C LYS A 421 13.79 20.48 21.15
N PRO A 422 14.34 21.71 21.07
CA PRO A 422 15.69 21.87 20.53
C PRO A 422 16.75 21.07 21.28
N LEU A 423 16.55 20.81 22.57
CA LEU A 423 17.48 19.99 23.34
C LEU A 423 17.39 18.52 22.96
N CYS A 433 24.90 19.15 10.69
CA CYS A 433 24.64 17.88 11.37
C CYS A 433 25.16 16.69 10.56
N PHE A 434 25.12 15.51 11.16
CA PHE A 434 25.66 14.30 10.56
C PHE A 434 24.70 13.53 9.65
N PHE A 435 23.49 14.05 9.43
CA PHE A 435 22.58 13.41 8.48
C PHE A 435 22.05 14.40 7.46
N GLN A 436 21.87 13.93 6.24
CA GLN A 436 21.31 14.75 5.17
C GLN A 436 20.16 14.03 4.47
N GLY A 437 19.84 12.83 4.95
CA GLY A 437 18.76 12.07 4.37
C GLY A 437 17.88 11.41 5.42
N ASP A 438 16.60 11.27 5.11
CA ASP A 438 15.70 10.43 5.93
C ASP A 438 14.46 10.03 5.13
N HIS A 439 13.61 9.21 5.76
CA HIS A 439 12.41 8.69 5.12
C HIS A 439 11.45 8.34 6.25
N GLY A 440 10.20 8.07 5.90
CA GLY A 440 9.16 7.77 6.87
C GLY A 440 7.86 8.46 6.52
N PHE A 441 7.95 9.43 5.62
CA PHE A 441 6.82 10.26 5.17
C PHE A 441 5.69 9.48 4.49
N ASP A 442 4.54 10.14 4.39
CA ASP A 442 3.41 9.73 3.55
C ASP A 442 3.86 8.88 2.33
N ASN A 443 3.32 7.69 2.21
CA ASN A 443 3.78 6.77 1.16
C ASN A 443 3.43 7.13 -0.28
N LYS A 444 2.76 8.27 -0.51
CA LYS A 444 2.56 8.69 -1.89
C LYS A 444 3.61 9.70 -2.36
N VAL A 445 4.45 10.12 -1.43
CA VAL A 445 5.53 11.06 -1.69
C VAL A 445 6.57 10.45 -2.64
N ASN A 446 6.88 11.15 -3.74
CA ASN A 446 7.81 10.65 -4.73
C ASN A 446 9.13 10.09 -4.19
N SER A 447 9.76 10.84 -3.30
CA SER A 447 11.05 10.44 -2.76
C SER A 447 10.96 9.13 -1.97
N MET A 448 9.78 8.75 -1.53
CA MET A 448 9.63 7.51 -0.74
C MET A 448 9.43 6.25 -1.58
N GLN A 449 9.16 6.42 -2.87
CA GLN A 449 8.96 5.27 -3.74
C GLN A 449 10.21 4.42 -3.85
N THR A 450 10.03 3.13 -4.06
CA THR A 450 11.17 2.21 -4.06
C THR A 450 11.17 1.36 -5.32
N VAL A 451 11.98 0.31 -5.34
CA VAL A 451 12.25 -0.44 -6.57
CA VAL A 451 12.21 -0.42 -6.58
C VAL A 451 11.61 -1.82 -6.58
N PHE A 452 11.23 -2.28 -7.78
CA PHE A 452 10.87 -3.67 -8.01
C PHE A 452 11.33 -4.12 -9.39
N VAL A 453 12.05 -5.24 -9.42
CA VAL A 453 12.40 -5.94 -10.64
C VAL A 453 12.22 -7.42 -10.42
N GLY A 454 11.63 -8.10 -11.39
CA GLY A 454 11.55 -9.54 -11.35
C GLY A 454 12.25 -10.09 -12.57
N TYR A 455 13.10 -11.10 -12.36
CA TYR A 455 13.87 -11.71 -13.44
C TYR A 455 13.85 -13.22 -13.31
N GLY A 456 13.52 -13.91 -14.39
CA GLY A 456 13.57 -15.36 -14.37
C GLY A 456 12.52 -15.99 -15.24
N PRO A 457 12.47 -17.33 -15.27
CA PRO A 457 11.57 -18.02 -16.18
C PRO A 457 10.12 -17.63 -15.97
N THR A 458 9.73 -17.32 -14.74
CA THR A 458 8.33 -17.08 -14.45
C THR A 458 7.89 -15.64 -14.69
N PHE A 459 8.84 -14.72 -14.74
CA PHE A 459 8.53 -13.33 -15.05
C PHE A 459 8.51 -13.10 -16.57
N LYS A 460 7.91 -12.00 -16.99
CA LYS A 460 7.97 -11.66 -18.40
C LYS A 460 9.36 -11.15 -18.79
N TYR A 461 9.58 -11.09 -20.09
CA TYR A 461 10.87 -10.69 -20.64
C TYR A 461 10.76 -9.26 -21.20
N ARG A 462 11.74 -8.42 -20.88
CA ARG A 462 11.77 -7.04 -21.36
C ARG A 462 10.41 -6.35 -21.26
N THR A 463 9.81 -6.40 -20.07
CA THR A 463 8.47 -5.88 -19.87
C THR A 463 8.44 -4.85 -18.74
N LYS A 464 7.81 -3.71 -19.01
CA LYS A 464 7.57 -2.71 -17.99
C LYS A 464 6.12 -2.81 -17.53
N VAL A 465 5.89 -2.66 -16.23
CA VAL A 465 4.55 -2.72 -15.67
C VAL A 465 4.28 -1.43 -14.88
N PRO A 466 3.01 -1.06 -14.70
CA PRO A 466 2.74 0.16 -13.94
C PRO A 466 3.19 0.01 -12.48
N PRO A 467 3.40 1.13 -11.78
CA PRO A 467 3.74 1.04 -10.37
C PRO A 467 2.64 0.31 -9.61
N PHE A 468 3.02 -0.37 -8.54
CA PHE A 468 2.05 -1.09 -7.73
C PHE A 468 2.52 -1.06 -6.28
N GLU A 469 1.68 -1.53 -5.37
CA GLU A 469 1.93 -1.45 -3.95
C GLU A 469 2.57 -2.71 -3.42
N ASN A 470 3.43 -2.55 -2.42
CA ASN A 470 4.20 -3.69 -1.93
C ASN A 470 3.32 -4.75 -1.25
N ILE A 471 2.12 -4.37 -0.84
CA ILE A 471 1.19 -5.33 -0.24
C ILE A 471 0.80 -6.45 -1.22
N GLU A 472 0.99 -6.18 -2.51
CA GLU A 472 0.58 -7.12 -3.56
C GLU A 472 1.57 -8.26 -3.75
N LEU A 473 2.80 -8.08 -3.26
CA LEU A 473 3.88 -9.03 -3.58
C LEU A 473 3.76 -10.40 -2.92
N TYR A 474 3.25 -10.43 -1.69
CA TYR A 474 3.10 -11.71 -0.99
C TYR A 474 2.29 -12.71 -1.85
N ASN A 475 1.17 -12.27 -2.41
CA ASN A 475 0.38 -13.19 -3.27
C ASN A 475 1.22 -13.74 -4.42
N VAL A 476 1.97 -12.85 -5.05
CA VAL A 476 2.79 -13.19 -6.21
C VAL A 476 3.92 -14.15 -5.84
N MET A 477 4.54 -13.94 -4.67
CA MET A 477 5.59 -14.84 -4.22
C MET A 477 5.01 -16.21 -3.90
N CYS A 478 3.80 -16.22 -3.35
CA CYS A 478 3.09 -17.48 -3.16
C CYS A 478 2.85 -18.15 -4.52
N ASP A 479 2.32 -17.40 -5.49
CA ASP A 479 2.14 -17.91 -6.86
C ASP A 479 3.44 -18.53 -7.40
N LEU A 480 4.55 -17.82 -7.21
CA LEU A 480 5.84 -18.26 -7.72
C LEU A 480 6.34 -19.53 -7.03
N LEU A 481 5.79 -19.82 -5.87
CA LEU A 481 6.23 -20.99 -5.09
C LEU A 481 5.18 -22.09 -5.00
N GLY A 482 4.05 -21.90 -5.68
CA GLY A 482 2.96 -22.83 -5.61
C GLY A 482 2.25 -22.86 -4.26
N LEU A 483 2.24 -21.73 -3.56
CA LEU A 483 1.63 -21.66 -2.24
C LEU A 483 0.25 -21.01 -2.27
N LYS A 484 -0.63 -21.42 -1.35
CA LYS A 484 -1.89 -20.73 -1.15
C LYS A 484 -1.68 -19.66 -0.09
N PRO A 485 -1.89 -18.39 -0.47
CA PRO A 485 -1.57 -17.30 0.46
C PRO A 485 -2.56 -17.24 1.61
N ALA A 486 -2.06 -16.90 2.80
CA ALA A 486 -2.90 -16.59 3.95
C ALA A 486 -3.69 -15.32 3.64
N PRO A 487 -4.78 -15.08 4.38
CA PRO A 487 -5.61 -13.91 4.10
C PRO A 487 -4.76 -12.65 4.23
N ASN A 488 -4.82 -11.82 3.22
CA ASN A 488 -4.01 -10.61 3.25
C ASN A 488 -4.65 -9.47 2.50
N ASN A 489 -3.95 -8.34 2.38
CA ASN A 489 -4.54 -7.15 1.81
C ASN A 489 -4.27 -6.91 0.33
N GLY A 490 -3.41 -7.72 -0.26
CA GLY A 490 -3.29 -7.70 -1.71
C GLY A 490 -4.61 -8.10 -2.35
N THR A 491 -4.69 -7.87 -3.65
CA THR A 491 -5.86 -8.24 -4.46
C THR A 491 -5.30 -9.24 -5.47
N HIS A 492 -5.61 -10.52 -5.23
CA HIS A 492 -4.92 -11.60 -5.90
C HIS A 492 -5.37 -11.69 -7.35
N GLY A 493 -4.42 -11.48 -8.25
CA GLY A 493 -4.72 -11.39 -9.67
C GLY A 493 -4.36 -10.02 -10.23
N SER A 494 -4.30 -9.02 -9.35
CA SER A 494 -4.03 -7.66 -9.81
C SER A 494 -2.63 -7.51 -10.41
N LEU A 495 -1.74 -8.45 -10.11
CA LEU A 495 -0.39 -8.46 -10.66
C LEU A 495 -0.13 -9.64 -11.61
N ASN A 496 -1.20 -10.23 -12.14
CA ASN A 496 -0.99 -11.32 -13.10
C ASN A 496 -0.15 -10.87 -14.31
N HIS A 497 -0.28 -9.59 -14.68
CA HIS A 497 0.45 -9.08 -15.83
C HIS A 497 1.98 -9.03 -15.68
N LEU A 498 2.50 -9.34 -14.48
CA LEU A 498 3.96 -9.42 -14.29
C LEU A 498 4.48 -10.77 -14.73
N LEU A 499 3.58 -11.74 -14.87
CA LEU A 499 3.99 -13.14 -14.97
C LEU A 499 3.74 -13.75 -16.37
N ARG A 500 4.68 -14.60 -16.77
CA ARG A 500 4.56 -15.40 -18.00
C ARG A 500 3.68 -16.61 -17.74
N THR A 501 3.82 -17.16 -16.54
CA THR A 501 3.07 -18.33 -16.12
C THR A 501 2.84 -18.25 -14.61
N ASN A 502 2.10 -19.22 -14.07
CA ASN A 502 1.77 -19.27 -12.64
C ASN A 502 0.83 -18.16 -12.20
N THR A 503 0.09 -17.60 -13.15
CA THR A 503 -0.89 -16.56 -12.84
C THR A 503 -1.99 -17.14 -11.97
N PHE A 504 -2.71 -16.26 -11.28
CA PHE A 504 -3.82 -16.70 -10.45
C PHE A 504 -5.13 -16.36 -11.14
N ARG A 505 -5.97 -17.36 -11.40
CA ARG A 505 -7.26 -17.08 -12.02
C ARG A 505 -8.25 -16.66 -10.94
N PRO A 506 -8.63 -15.38 -10.94
CA PRO A 506 -9.51 -14.88 -9.90
C PRO A 506 -10.94 -15.25 -10.24
N THR A 507 -11.83 -15.13 -9.26
CA THR A 507 -13.24 -15.44 -9.48
C THR A 507 -14.09 -14.31 -8.94
N LEU A 508 -14.99 -13.82 -9.78
CA LEU A 508 -15.90 -12.74 -9.41
C LEU A 508 -16.67 -13.10 -8.14
N PRO A 509 -16.68 -12.21 -7.14
CA PRO A 509 -17.43 -12.50 -5.92
C PRO A 509 -18.92 -12.58 -6.26
N GLU A 510 -19.64 -13.47 -5.59
CA GLU A 510 -21.06 -13.61 -5.88
C GLU A 510 -21.87 -12.56 -5.15
N GLU A 511 -22.82 -11.96 -5.86
CA GLU A 511 -23.71 -10.99 -5.25
C GLU A 511 -24.57 -11.64 -4.16
N VAL A 512 -24.72 -10.94 -3.04
CA VAL A 512 -25.46 -11.48 -1.91
C VAL A 512 -26.88 -10.93 -1.86
N SER A 513 -27.03 -9.66 -2.23
CA SER A 513 -28.35 -9.02 -2.20
C SER A 513 -28.77 -8.54 -3.58
N ARG A 514 -29.84 -9.13 -4.10
CA ARG A 514 -30.45 -8.67 -5.34
C ARG A 514 -31.34 -7.46 -5.05
N PRO A 515 -31.40 -6.51 -6.00
CA PRO A 515 -32.15 -5.28 -5.76
C PRO A 515 -33.65 -5.45 -6.01
N ASN A 516 -34.42 -4.49 -5.51
CA ASN A 516 -35.82 -4.37 -5.84
C ASN A 516 -35.94 -3.31 -6.91
N TYR A 517 -36.99 -3.39 -7.72
CA TYR A 517 -37.27 -2.35 -8.69
C TYR A 517 -38.65 -1.79 -8.38
N PRO A 518 -38.72 -0.87 -7.41
CA PRO A 518 -40.00 -0.30 -6.99
C PRO A 518 -40.59 0.59 -8.07
N GLY A 519 -41.86 0.34 -8.41
CA GLY A 519 -42.61 1.25 -9.24
C GLY A 519 -43.34 2.21 -8.32
N ILE A 520 -44.21 3.04 -8.89
CA ILE A 520 -45.06 3.90 -8.07
C ILE A 520 -45.97 3.05 -7.19
N MET A 521 -46.06 3.41 -5.91
CA MET A 521 -46.89 2.67 -4.98
C MET A 521 -47.44 3.60 -3.90
N TYR A 522 -47.20 4.89 -4.05
CA TYR A 522 -47.64 5.88 -3.07
C TYR A 522 -48.02 7.20 -3.74
N LEU A 523 -48.82 7.99 -3.03
CA LEU A 523 -49.20 9.31 -3.51
C LEU A 523 -48.54 10.35 -2.63
N GLN A 524 -48.31 11.53 -3.19
CA GLN A 524 -47.71 12.62 -2.45
C GLN A 524 -48.42 12.75 -1.10
N SER A 525 -49.72 12.48 -1.11
CA SER A 525 -50.54 12.62 0.08
C SER A 525 -50.17 11.59 1.16
N ASP A 526 -49.43 10.56 0.77
CA ASP A 526 -49.00 9.52 1.70
C ASP A 526 -47.82 9.96 2.57
N PHE A 527 -47.24 11.11 2.26
CA PHE A 527 -46.00 11.54 2.90
C PHE A 527 -46.15 12.67 3.92
N ASP A 528 -45.57 12.46 5.09
CA ASP A 528 -45.58 13.46 6.15
C ASP A 528 -44.14 13.65 6.65
N LEU A 529 -43.30 14.25 5.82
CA LEU A 529 -41.86 14.26 6.08
C LEU A 529 -41.27 15.63 6.45
N GLY A 530 -42.04 16.68 6.24
CA GLY A 530 -41.58 18.01 6.59
C GLY A 530 -40.86 18.70 5.45
N CYS A 531 -40.84 18.02 4.30
CA CYS A 531 -40.20 18.59 3.12
C CYS A 531 -41.12 19.59 2.43
N THR A 532 -40.53 20.55 1.73
CA THR A 532 -41.31 21.48 0.93
C THR A 532 -40.55 21.82 -0.34
N CYS A 533 -41.27 21.86 -1.45
CA CYS A 533 -40.73 22.35 -2.70
C CYS A 533 -41.65 23.43 -3.24
N ASP A 534 -41.15 24.66 -3.28
CA ASP A 534 -41.96 25.81 -3.66
C ASP A 534 -42.22 25.90 -5.15
N ASP A 535 -42.02 24.78 -5.85
CA ASP A 535 -42.34 24.72 -7.27
C ASP A 535 -42.76 23.31 -7.66
N LYS A 536 -43.30 23.17 -8.86
CA LYS A 536 -43.82 21.89 -9.32
C LYS A 536 -43.96 21.88 -10.85
N ARG A 545 -43.83 7.24 -18.68
CA ARG A 545 -42.78 6.26 -18.41
C ARG A 545 -41.68 6.89 -17.58
N LEU A 546 -42.07 7.87 -16.76
CA LEU A 546 -41.14 8.58 -15.89
C LEU A 546 -40.47 7.61 -14.92
N HIS A 547 -39.14 7.64 -14.89
CA HIS A 547 -38.36 6.81 -13.98
C HIS A 547 -38.41 5.32 -14.33
N THR A 548 -38.74 5.03 -15.58
CA THR A 548 -38.59 3.68 -16.12
C THR A 548 -37.14 3.53 -16.56
N LYS A 549 -36.69 2.28 -16.72
CA LYS A 549 -35.28 2.00 -16.96
C LYS A 549 -34.68 2.60 -18.23
N GLY A 550 -34.92 1.96 -19.37
CA GLY A 550 -34.27 2.36 -20.61
C GLY A 550 -34.48 3.82 -20.89
N SER A 551 -33.44 4.52 -21.34
CA SER A 551 -32.13 3.93 -21.60
C SER A 551 -31.16 4.44 -20.55
N THR A 552 -31.67 4.65 -19.34
CA THR A 552 -30.89 5.23 -18.27
C THR A 552 -29.66 4.39 -17.94
N GLU A 553 -29.84 3.08 -17.92
CA GLU A 553 -28.75 2.20 -17.50
C GLU A 553 -27.57 2.21 -18.46
N GLU A 554 -27.85 2.27 -19.75
CA GLU A 554 -26.78 2.23 -20.75
C GLU A 554 -26.07 3.58 -20.85
N ARG A 555 -26.72 4.64 -20.39
CA ARG A 555 -26.08 5.95 -20.40
C ARG A 555 -25.32 6.22 -19.09
N HIS A 556 -25.88 5.80 -17.97
CA HIS A 556 -25.35 6.21 -16.67
C HIS A 556 -24.69 5.09 -15.85
N LEU A 557 -24.86 3.84 -16.27
CA LEU A 557 -24.25 2.70 -15.57
C LEU A 557 -23.31 1.90 -16.50
N LEU A 558 -22.21 2.51 -16.89
CA LEU A 558 -21.35 1.98 -17.96
C LEU A 558 -20.65 0.65 -17.72
N TYR A 559 -20.47 0.25 -16.47
CA TYR A 559 -19.69 -0.96 -16.21
C TYR A 559 -20.48 -1.98 -15.41
N GLY A 560 -21.80 -1.91 -15.54
CA GLY A 560 -22.66 -2.80 -14.79
C GLY A 560 -23.00 -2.18 -13.46
N ARG A 561 -24.04 -2.70 -12.81
CA ARG A 561 -24.38 -2.24 -11.48
C ARG A 561 -23.45 -2.92 -10.47
N PRO A 562 -23.02 -2.15 -9.46
CA PRO A 562 -22.23 -2.72 -8.36
C PRO A 562 -22.96 -3.91 -7.75
N ALA A 563 -22.23 -4.99 -7.44
CA ALA A 563 -22.82 -6.07 -6.67
C ALA A 563 -22.74 -5.72 -5.19
N VAL A 564 -23.83 -5.94 -4.46
CA VAL A 564 -23.85 -5.77 -3.01
C VAL A 564 -23.47 -7.09 -2.39
N LEU A 565 -22.36 -7.11 -1.66
CA LEU A 565 -21.80 -8.36 -1.15
C LEU A 565 -22.14 -8.63 0.32
N TYR A 566 -23.22 -8.04 0.81
CA TYR A 566 -23.70 -8.32 2.17
C TYR A 566 -25.22 -8.39 2.14
N ARG A 567 -25.83 -8.83 3.23
CA ARG A 567 -27.27 -9.00 3.25
C ARG A 567 -27.97 -7.70 3.66
N THR A 568 -28.84 -7.20 2.79
CA THR A 568 -29.47 -5.91 3.02
C THR A 568 -30.63 -5.77 2.04
N SER A 569 -31.35 -4.66 2.14
CA SER A 569 -32.50 -4.44 1.28
C SER A 569 -32.39 -3.07 0.60
N TYR A 570 -32.41 -3.07 -0.73
CA TYR A 570 -32.25 -1.84 -1.48
C TYR A 570 -33.01 -1.84 -2.80
N ASP A 571 -33.20 -0.65 -3.36
CA ASP A 571 -33.98 -0.47 -4.58
C ASP A 571 -33.14 0.15 -5.67
N ILE A 572 -33.33 -0.31 -6.89
CA ILE A 572 -32.79 0.41 -8.04
C ILE A 572 -33.75 1.56 -8.35
N LEU A 573 -33.21 2.74 -8.64
CA LEU A 573 -34.03 3.87 -9.05
C LEU A 573 -33.44 4.50 -10.30
N TYR A 574 -34.27 4.69 -11.32
CA TYR A 574 -33.84 5.29 -12.58
C TYR A 574 -34.26 6.74 -12.70
N HIS A 575 -33.46 7.52 -13.42
CA HIS A 575 -33.76 8.92 -13.65
C HIS A 575 -33.12 9.28 -14.97
N THR A 576 -33.61 10.34 -15.60
CA THR A 576 -33.04 10.77 -16.87
C THR A 576 -31.53 10.97 -16.75
N ASP A 577 -31.11 11.55 -15.62
CA ASP A 577 -29.72 11.99 -15.45
C ASP A 577 -28.85 11.09 -14.57
N PHE A 578 -29.46 10.13 -13.89
CA PHE A 578 -28.68 9.30 -12.97
C PHE A 578 -29.47 8.08 -12.53
N GLU A 579 -28.74 7.08 -12.07
CA GLU A 579 -29.30 5.87 -11.50
C GLU A 579 -28.70 5.65 -10.11
N SER A 580 -29.46 5.02 -9.22
CA SER A 580 -28.97 4.79 -7.87
C SER A 580 -29.42 3.46 -7.29
N GLY A 581 -28.69 3.01 -6.29
CA GLY A 581 -29.08 1.85 -5.52
C GLY A 581 -29.45 2.36 -4.13
N TYR A 582 -30.74 2.61 -3.92
CA TYR A 582 -31.21 3.21 -2.69
C TYR A 582 -31.42 2.19 -1.58
N SER A 583 -30.77 2.41 -0.45
CA SER A 583 -30.87 1.48 0.66
C SER A 583 -32.08 1.81 1.53
N GLU A 584 -32.93 0.82 1.74
CA GLU A 584 -34.10 0.98 2.60
C GLU A 584 -33.72 0.86 4.07
N ILE A 585 -32.46 0.51 4.34
CA ILE A 585 -32.00 0.35 5.71
C ILE A 585 -31.29 1.61 6.19
N PHE A 586 -30.40 2.13 5.35
CA PHE A 586 -29.63 3.31 5.73
C PHE A 586 -30.25 4.58 5.19
N LEU A 587 -31.34 4.42 4.45
CA LEU A 587 -32.20 5.56 4.07
C LEU A 587 -31.54 6.55 3.13
N MET A 588 -30.66 6.04 2.27
CA MET A 588 -29.96 6.85 1.29
C MET A 588 -29.27 5.88 0.34
N PRO A 589 -28.86 6.38 -0.83
CA PRO A 589 -28.20 5.49 -1.82
C PRO A 589 -26.90 4.88 -1.27
N LEU A 590 -26.67 3.61 -1.58
CA LEU A 590 -25.37 3.00 -1.35
C LEU A 590 -24.41 3.49 -2.43
N TRP A 591 -25.00 3.89 -3.55
CA TRP A 591 -24.27 4.36 -4.72
C TRP A 591 -25.18 5.10 -5.70
N THR A 592 -24.62 6.12 -6.36
CA THR A 592 -25.35 6.94 -7.31
C THR A 592 -24.45 7.08 -8.53
N SER A 593 -24.95 6.68 -9.69
CA SER A 593 -24.11 6.59 -10.87
C SER A 593 -24.61 7.48 -12.00
N TYR A 594 -23.70 8.23 -12.62
CA TYR A 594 -24.13 9.12 -13.69
C TYR A 594 -22.99 9.50 -14.63
N THR A 595 -23.33 9.77 -15.89
CA THR A 595 -22.34 10.17 -16.88
C THR A 595 -22.49 11.64 -17.29
N ILE A 596 -21.36 12.31 -17.42
CA ILE A 596 -21.30 13.72 -17.82
C ILE A 596 -20.44 13.84 -19.07
N SER A 597 -21.06 14.29 -20.16
CA SER A 597 -20.32 14.44 -21.41
C SER A 597 -19.38 15.64 -21.35
N LYS A 598 -18.37 15.58 -22.19
CA LYS A 598 -17.41 16.67 -22.30
C LYS A 598 -18.13 17.99 -22.54
N GLN A 599 -19.22 17.91 -23.29
CA GLN A 599 -19.96 19.09 -23.73
C GLN A 599 -20.97 19.60 -22.70
N ALA A 600 -21.23 18.80 -21.67
CA ALA A 600 -22.32 19.08 -20.74
C ALA A 600 -22.30 20.51 -20.19
N GLU A 601 -23.48 21.04 -19.90
CA GLU A 601 -23.61 22.39 -19.38
C GLU A 601 -23.90 22.40 -17.89
N VAL A 602 -23.25 23.31 -17.18
CA VAL A 602 -23.50 23.53 -15.77
C VAL A 602 -24.59 24.60 -15.60
N SER A 603 -25.58 24.33 -14.76
CA SER A 603 -26.65 25.29 -14.51
C SER A 603 -26.82 25.57 -13.03
N SER A 604 -27.63 26.58 -12.71
CA SER A 604 -27.82 27.01 -11.33
C SER A 604 -28.94 26.23 -10.64
N ILE A 605 -29.08 26.44 -9.34
CA ILE A 605 -30.28 26.03 -8.64
C ILE A 605 -31.17 27.26 -8.53
N PRO A 606 -32.32 27.25 -9.22
CA PRO A 606 -33.23 28.39 -9.21
C PRO A 606 -33.58 28.85 -7.81
N GLU A 607 -33.68 30.17 -7.61
CA GLU A 607 -33.95 30.72 -6.28
C GLU A 607 -35.10 30.01 -5.57
N HIS A 608 -36.17 29.73 -6.28
CA HIS A 608 -37.37 29.16 -5.70
C HIS A 608 -37.22 27.68 -5.34
N LEU A 609 -36.08 27.09 -5.71
CA LEU A 609 -35.84 25.67 -5.46
C LEU A 609 -34.73 25.45 -4.44
N THR A 610 -34.17 26.55 -3.95
CA THR A 610 -33.10 26.51 -2.95
C THR A 610 -33.33 25.43 -1.90
N ASN A 611 -34.49 25.46 -1.26
CA ASN A 611 -34.77 24.55 -0.17
C ASN A 611 -35.71 23.42 -0.59
N CYS A 612 -35.75 23.14 -1.88
CA CYS A 612 -36.66 22.12 -2.38
C CYS A 612 -36.19 20.70 -2.08
N VAL A 613 -36.99 19.97 -1.33
CA VAL A 613 -36.85 18.52 -1.24
C VAL A 613 -38.18 17.87 -1.56
N ARG A 614 -38.15 16.84 -2.40
CA ARG A 614 -39.38 16.19 -2.84
C ARG A 614 -39.44 14.73 -2.42
N PRO A 615 -40.59 14.29 -1.90
CA PRO A 615 -40.79 12.88 -1.59
C PRO A 615 -40.77 12.05 -2.88
N ASP A 616 -40.48 10.76 -2.75
CA ASP A 616 -40.31 9.88 -3.90
C ASP A 616 -41.35 8.77 -3.84
N VAL A 617 -42.38 8.91 -4.68
CA VAL A 617 -43.51 8.00 -4.67
C VAL A 617 -43.15 6.54 -4.92
N ARG A 618 -41.90 6.28 -5.28
CA ARG A 618 -41.44 4.91 -5.51
C ARG A 618 -41.07 4.21 -4.20
N VAL A 619 -40.81 5.01 -3.17
CA VAL A 619 -40.27 4.49 -1.91
C VAL A 619 -41.14 4.90 -0.74
N SER A 620 -41.51 3.92 0.08
CA SER A 620 -42.44 4.12 1.18
C SER A 620 -41.97 5.22 2.12
N PRO A 621 -42.91 6.00 2.63
CA PRO A 621 -42.57 7.05 3.60
C PRO A 621 -41.78 6.47 4.77
N GLY A 622 -42.00 5.21 5.08
CA GLY A 622 -41.32 4.56 6.20
C GLY A 622 -39.84 4.30 5.92
N PHE A 623 -39.46 4.27 4.65
CA PHE A 623 -38.07 4.04 4.26
C PHE A 623 -37.50 5.30 3.64
N SER A 624 -37.96 6.46 4.14
CA SER A 624 -37.49 7.74 3.63
C SER A 624 -36.96 8.59 4.77
N GLN A 625 -36.06 9.52 4.43
CA GLN A 625 -35.63 10.52 5.40
C GLN A 625 -36.73 11.56 5.50
N ASN A 626 -36.72 12.35 6.56
CA ASN A 626 -37.64 13.47 6.67
C ASN A 626 -36.90 14.77 6.86
N CYS A 627 -37.38 15.83 6.19
CA CYS A 627 -36.68 17.10 6.22
C CYS A 627 -36.82 17.78 7.56
N LEU A 628 -37.78 17.31 8.36
CA LEU A 628 -37.95 17.84 9.72
C LEU A 628 -36.66 17.72 10.53
N ALA A 629 -36.04 16.55 10.45
CA ALA A 629 -34.79 16.30 11.16
C ALA A 629 -33.74 17.31 10.77
N TYR A 630 -33.61 17.57 9.48
CA TYR A 630 -32.68 18.59 9.05
C TYR A 630 -33.10 19.96 9.58
N LYS A 631 -34.35 20.37 9.32
CA LYS A 631 -34.81 21.64 9.87
C LYS A 631 -34.45 21.82 11.35
N ASN A 632 -34.47 20.72 12.10
CA ASN A 632 -34.31 20.75 13.56
C ASN A 632 -32.89 20.61 14.11
N ASP A 633 -32.01 19.98 13.33
CA ASP A 633 -30.63 19.76 13.76
C ASP A 633 -29.85 21.01 13.42
N LYS A 634 -29.42 21.78 14.43
CA LYS A 634 -28.80 23.07 14.13
C LYS A 634 -27.38 22.98 13.56
N GLN A 635 -26.79 21.79 13.59
CA GLN A 635 -25.41 21.61 13.10
C GLN A 635 -25.33 20.86 11.77
N MET A 636 -26.29 19.98 11.52
CA MET A 636 -26.24 19.16 10.32
C MET A 636 -27.12 19.69 9.21
N SER A 637 -26.57 19.90 8.01
CA SER A 637 -27.41 20.21 6.87
C SER A 637 -27.53 18.99 5.95
N TYR A 638 -27.72 19.22 4.65
CA TYR A 638 -27.87 18.11 3.71
C TYR A 638 -27.32 18.47 2.35
N GLY A 639 -27.08 17.45 1.55
CA GLY A 639 -26.63 17.65 0.17
C GLY A 639 -27.19 16.56 -0.72
N PHE A 640 -26.79 16.59 -1.98
CA PHE A 640 -27.29 15.63 -2.94
C PHE A 640 -26.15 14.87 -3.63
N LEU A 641 -26.36 13.58 -3.90
CA LEU A 641 -25.36 12.75 -4.58
C LEU A 641 -25.26 13.07 -6.07
N PHE A 642 -26.40 13.12 -6.77
CA PHE A 642 -26.41 13.72 -8.10
C PHE A 642 -26.67 15.23 -7.98
N PRO A 643 -25.74 16.05 -8.50
CA PRO A 643 -25.84 17.51 -8.36
C PRO A 643 -26.89 18.13 -9.30
N PRO A 644 -27.84 18.90 -8.74
CA PRO A 644 -28.81 19.62 -9.58
C PRO A 644 -28.09 20.52 -10.58
N TYR A 645 -26.83 20.87 -10.28
CA TYR A 645 -26.05 21.75 -11.15
C TYR A 645 -25.80 21.12 -12.52
N LEU A 646 -25.96 19.80 -12.61
CA LEU A 646 -25.57 19.08 -13.82
C LEU A 646 -26.76 18.44 -14.52
N SER A 647 -27.95 18.76 -14.03
CA SER A 647 -29.20 18.33 -14.66
C SER A 647 -29.17 18.59 -16.16
N SER A 648 -29.80 17.71 -16.93
CA SER A 648 -29.79 17.83 -18.40
C SER A 648 -30.80 18.87 -18.90
N SER A 649 -31.82 19.13 -18.10
CA SER A 649 -32.88 20.07 -18.47
C SER A 649 -33.46 20.73 -17.22
N PRO A 650 -34.14 21.88 -17.38
CA PRO A 650 -34.81 22.48 -16.22
C PRO A 650 -35.83 21.50 -15.63
N GLU A 651 -36.50 20.74 -16.49
CA GLU A 651 -37.43 19.72 -16.04
C GLU A 651 -36.73 18.63 -15.23
N ALA A 652 -35.66 18.08 -15.79
CA ALA A 652 -34.97 16.94 -15.20
C ALA A 652 -34.37 17.29 -13.84
N LYS A 653 -34.03 18.56 -13.68
CA LYS A 653 -33.41 19.04 -12.45
C LYS A 653 -34.24 18.68 -11.24
N TYR A 654 -35.54 18.50 -11.45
CA TYR A 654 -36.47 18.21 -10.35
C TYR A 654 -36.18 16.86 -9.69
N ASP A 655 -35.68 15.92 -10.48
CA ASP A 655 -35.26 14.62 -9.95
C ASP A 655 -34.16 14.75 -8.90
N ALA A 656 -33.30 15.74 -9.07
CA ALA A 656 -32.13 15.90 -8.22
C ALA A 656 -32.53 16.29 -6.80
N PHE A 657 -33.76 16.78 -6.64
CA PHE A 657 -34.24 17.22 -5.34
C PHE A 657 -35.07 16.16 -4.62
N LEU A 658 -35.12 14.96 -5.19
CA LEU A 658 -35.79 13.87 -4.52
C LEU A 658 -35.13 13.57 -3.18
N VAL A 659 -35.94 13.14 -2.23
CA VAL A 659 -35.47 12.82 -0.89
C VAL A 659 -34.56 11.60 -0.91
N THR A 660 -34.60 10.88 -2.04
CA THR A 660 -33.85 9.64 -2.18
C THR A 660 -32.48 9.91 -2.81
N ASN A 661 -32.22 11.17 -3.10
CA ASN A 661 -30.93 11.62 -3.60
C ASN A 661 -30.19 12.44 -2.52
N MET A 662 -30.82 12.61 -1.37
CA MET A 662 -30.29 13.47 -0.32
C MET A 662 -29.44 12.73 0.72
N VAL A 663 -28.40 13.40 1.20
CA VAL A 663 -27.54 12.81 2.23
C VAL A 663 -27.17 13.86 3.26
N PRO A 664 -26.93 13.44 4.51
CA PRO A 664 -26.56 14.39 5.56
C PRO A 664 -25.13 14.91 5.44
N MET A 665 -25.00 16.23 5.36
CA MET A 665 -23.70 16.87 5.23
C MET A 665 -23.60 18.10 6.13
N TYR A 666 -22.55 18.14 6.94
CA TYR A 666 -22.21 19.34 7.69
C TYR A 666 -21.97 20.46 6.71
N PRO A 667 -22.33 21.70 7.09
CA PRO A 667 -22.02 22.86 6.26
C PRO A 667 -20.54 22.93 5.85
N ALA A 668 -19.65 22.54 6.76
CA ALA A 668 -18.22 22.50 6.46
C ALA A 668 -17.96 21.58 5.28
N PHE A 669 -18.54 20.39 5.34
CA PHE A 669 -18.38 19.45 4.24
C PHE A 669 -19.04 19.95 2.94
N LYS A 670 -20.20 20.56 3.08
CA LYS A 670 -20.89 21.15 1.93
C LYS A 670 -20.02 22.12 1.17
N ARG A 671 -19.12 22.81 1.86
CA ARG A 671 -18.23 23.74 1.16
C ARG A 671 -17.41 22.97 0.12
N VAL A 672 -16.90 21.82 0.55
CA VAL A 672 -16.12 20.95 -0.33
C VAL A 672 -17.01 20.29 -1.41
N TRP A 673 -18.10 19.69 -0.97
CA TRP A 673 -18.96 18.94 -1.86
C TRP A 673 -19.57 19.80 -2.98
N THR A 674 -20.09 20.98 -2.65
CA THR A 674 -20.68 21.83 -3.68
C THR A 674 -19.66 22.23 -4.72
N TYR A 675 -18.44 22.53 -4.28
CA TYR A 675 -17.39 22.89 -5.22
C TYR A 675 -17.07 21.71 -6.13
N PHE A 676 -17.02 20.52 -5.54
CA PHE A 676 -16.81 19.29 -6.30
C PHE A 676 -17.93 19.08 -7.32
N GLN A 677 -19.17 19.21 -6.85
CA GLN A 677 -20.34 18.99 -7.70
C GLN A 677 -20.49 20.04 -8.81
N ARG A 678 -20.18 21.30 -8.47
CA ARG A 678 -20.48 22.41 -9.37
C ARG A 678 -19.30 22.79 -10.27
N VAL A 679 -18.07 22.64 -9.77
CA VAL A 679 -16.91 23.02 -10.56
C VAL A 679 -16.14 21.81 -11.06
N LEU A 680 -15.76 20.93 -10.14
CA LEU A 680 -14.76 19.90 -10.46
C LEU A 680 -15.24 18.78 -11.39
N VAL A 681 -16.44 18.25 -11.16
CA VAL A 681 -16.93 17.17 -12.02
C VAL A 681 -16.95 17.61 -13.48
N LYS A 682 -17.50 18.78 -13.75
CA LYS A 682 -17.47 19.33 -15.09
C LYS A 682 -16.05 19.50 -15.59
N LYS A 683 -15.15 19.99 -14.75
CA LYS A 683 -13.76 20.17 -15.15
C LYS A 683 -13.16 18.84 -15.57
N TYR A 684 -13.48 17.77 -14.83
CA TYR A 684 -13.02 16.42 -15.16
C TYR A 684 -13.58 15.96 -16.51
N ALA A 685 -14.89 16.16 -16.70
CA ALA A 685 -15.54 15.86 -17.97
C ALA A 685 -14.85 16.55 -19.15
N SER A 686 -14.55 17.83 -18.98
CA SER A 686 -13.93 18.60 -20.04
C SER A 686 -12.51 18.11 -20.35
N GLU A 687 -11.79 17.70 -19.30
CA GLU A 687 -10.39 17.29 -19.43
C GLU A 687 -10.25 15.85 -19.92
N ARG A 688 -11.23 15.01 -19.61
CA ARG A 688 -11.10 13.58 -19.84
C ARG A 688 -12.00 13.07 -20.95
N ASN A 689 -12.66 13.99 -21.65
CA ASN A 689 -13.65 13.66 -22.68
C ASN A 689 -14.84 12.95 -22.07
N GLY A 690 -15.43 13.59 -21.09
CA GLY A 690 -16.57 13.01 -20.37
C GLY A 690 -16.10 12.10 -19.24
N VAL A 691 -16.91 12.01 -18.20
CA VAL A 691 -16.62 11.08 -17.12
C VAL A 691 -17.88 10.38 -16.65
N ASN A 692 -17.70 9.15 -16.18
CA ASN A 692 -18.74 8.47 -15.42
C ASN A 692 -18.40 8.58 -13.94
N VAL A 693 -19.38 8.93 -13.13
CA VAL A 693 -19.17 9.15 -11.71
C VAL A 693 -20.05 8.23 -10.90
N ILE A 694 -19.46 7.53 -9.93
CA ILE A 694 -20.27 6.84 -8.93
C ILE A 694 -19.92 7.41 -7.56
N SER A 695 -20.90 8.01 -6.89
CA SER A 695 -20.67 8.63 -5.58
C SER A 695 -21.54 7.97 -4.53
N GLY A 696 -21.15 8.09 -3.26
CA GLY A 696 -21.92 7.48 -2.19
C GLY A 696 -21.31 7.70 -0.81
N PRO A 697 -22.01 7.18 0.21
CA PRO A 697 -21.64 7.29 1.62
C PRO A 697 -20.77 6.12 2.06
N ILE A 698 -19.95 6.36 3.07
CA ILE A 698 -19.16 5.31 3.72
C ILE A 698 -19.34 5.45 5.23
N PHE A 699 -19.54 4.32 5.91
CA PHE A 699 -19.62 4.26 7.36
C PHE A 699 -18.49 3.42 7.96
N ASP A 700 -17.56 4.10 8.61
CA ASP A 700 -16.46 3.42 9.24
C ASP A 700 -16.16 4.06 10.60
N TYR A 701 -17.12 3.97 11.51
CA TYR A 701 -16.97 4.54 12.84
C TYR A 701 -15.85 3.92 13.67
N ASN A 702 -15.52 2.65 13.43
CA ASN A 702 -14.45 1.98 14.16
C ASN A 702 -13.11 1.96 13.41
N TYR A 703 -13.04 2.75 12.34
CA TYR A 703 -11.80 2.97 11.61
C TYR A 703 -10.97 1.71 11.30
N ASN A 704 -11.66 0.64 10.92
CA ASN A 704 -10.97 -0.58 10.55
C ASN A 704 -10.90 -0.79 9.02
N GLY A 705 -11.36 0.21 8.27
CA GLY A 705 -11.30 0.19 6.82
C GLY A 705 -12.35 -0.68 6.16
N LEU A 706 -13.30 -1.15 6.95
CA LEU A 706 -14.31 -2.10 6.48
C LEU A 706 -15.70 -1.55 6.70
N ARG A 707 -16.63 -1.84 5.79
CA ARG A 707 -18.04 -1.49 5.94
C ARG A 707 -18.55 -1.71 7.37
N ASP A 708 -19.10 -0.66 8.00
CA ASP A 708 -19.74 -0.83 9.30
C ASP A 708 -21.04 -1.62 9.18
N ILE A 709 -21.29 -2.48 10.15
CA ILE A 709 -22.62 -3.04 10.34
C ILE A 709 -23.46 -2.04 11.15
N GLU A 710 -24.78 -2.21 11.15
CA GLU A 710 -25.68 -1.22 11.76
C GLU A 710 -25.26 -0.87 13.19
N ASP A 711 -24.87 -1.88 13.95
CA ASP A 711 -24.51 -1.72 15.34
C ASP A 711 -23.34 -0.75 15.55
N GLU A 712 -22.50 -0.60 14.53
CA GLU A 712 -21.25 0.15 14.66
C GLU A 712 -21.39 1.62 14.32
N ILE A 713 -22.54 1.98 13.75
CA ILE A 713 -22.82 3.38 13.43
C ILE A 713 -23.17 4.12 14.72
N LYS A 714 -22.56 5.28 14.94
CA LYS A 714 -22.66 5.96 16.23
C LYS A 714 -23.28 7.35 16.16
N GLN A 715 -23.54 7.85 14.97
CA GLN A 715 -24.12 9.19 14.83
C GLN A 715 -25.29 9.23 13.85
N TYR A 716 -26.37 9.90 14.25
CA TYR A 716 -27.58 10.05 13.42
C TYR A 716 -28.00 11.52 13.36
N VAL A 717 -28.77 11.89 12.35
CA VAL A 717 -29.28 13.26 12.30
C VAL A 717 -30.15 13.48 13.53
N GLU A 718 -30.07 14.67 14.12
CA GLU A 718 -30.77 14.94 15.37
C GLU A 718 -32.21 14.45 15.34
N GLY A 719 -32.58 13.66 16.36
CA GLY A 719 -33.95 13.23 16.57
C GLY A 719 -34.45 12.22 15.56
N SER A 720 -33.54 11.69 14.75
CA SER A 720 -33.91 10.75 13.69
C SER A 720 -33.05 9.50 13.75
N SER A 721 -33.37 8.54 12.89
CA SER A 721 -32.52 7.37 12.71
C SER A 721 -31.80 7.41 11.36
N ILE A 722 -31.60 8.61 10.82
CA ILE A 722 -30.82 8.75 9.58
C ILE A 722 -29.33 8.72 9.94
N PRO A 723 -28.60 7.70 9.47
CA PRO A 723 -27.20 7.55 9.87
C PRO A 723 -26.29 8.53 9.14
N VAL A 724 -25.23 8.97 9.83
CA VAL A 724 -24.33 9.98 9.30
C VAL A 724 -23.07 9.29 8.82
N PRO A 725 -22.78 9.41 7.51
CA PRO A 725 -21.55 8.82 6.94
C PRO A 725 -20.31 9.46 7.54
N THR A 726 -19.26 8.67 7.73
CA THR A 726 -17.97 9.21 8.15
C THR A 726 -17.19 9.77 6.97
N HIS A 727 -17.50 9.28 5.77
CA HIS A 727 -16.86 9.72 4.54
C HIS A 727 -17.84 9.66 3.39
N TYR A 728 -17.52 10.38 2.32
CA TYR A 728 -18.25 10.26 1.07
C TYR A 728 -17.24 9.94 -0.02
N TYR A 729 -17.57 9.00 -0.89
CA TYR A 729 -16.63 8.58 -1.93
C TYR A 729 -17.11 9.03 -3.30
N SER A 730 -16.17 9.19 -4.21
CA SER A 730 -16.53 9.33 -5.62
C SER A 730 -15.52 8.56 -6.46
N ILE A 731 -16.03 7.79 -7.42
CA ILE A 731 -15.18 7.04 -8.33
C ILE A 731 -15.43 7.60 -9.72
N ILE A 732 -14.40 8.12 -10.35
CA ILE A 732 -14.54 8.82 -11.62
C ILE A 732 -13.79 8.08 -12.73
N THR A 733 -14.54 7.51 -13.66
CA THR A 733 -14.00 6.66 -14.71
C THR A 733 -14.16 7.31 -16.09
N SER A 734 -13.19 7.07 -16.96
CA SER A 734 -13.26 7.54 -18.34
C SER A 734 -12.46 6.58 -19.23
N CYS A 735 -12.26 6.96 -20.48
CA CYS A 735 -11.57 6.05 -21.39
C CYS A 735 -10.09 6.35 -21.32
N LEU A 736 -9.25 5.32 -21.21
CA LEU A 736 -7.80 5.56 -21.15
C LEU A 736 -7.39 6.30 -22.41
N ASP A 737 -7.93 5.85 -23.54
CA ASP A 737 -7.79 6.58 -24.79
C ASP A 737 -8.70 7.79 -24.72
N PHE A 738 -8.15 8.97 -24.43
CA PHE A 738 -8.96 10.16 -24.22
C PHE A 738 -9.62 10.68 -25.50
N THR A 739 -9.21 10.13 -26.65
CA THR A 739 -9.82 10.55 -27.92
C THR A 739 -11.22 9.96 -28.05
N GLN A 740 -11.51 8.93 -27.26
CA GLN A 740 -12.84 8.37 -27.24
C GLN A 740 -13.63 8.87 -26.03
N PRO A 741 -14.91 9.18 -26.24
CA PRO A 741 -15.79 9.62 -25.15
C PRO A 741 -15.95 8.51 -24.12
N ALA A 742 -16.13 8.89 -22.86
CA ALA A 742 -16.28 7.92 -21.78
C ALA A 742 -17.39 6.90 -22.05
N ASP A 743 -18.48 7.34 -22.66
CA ASP A 743 -19.63 6.46 -22.90
C ASP A 743 -19.43 5.54 -24.11
N LYS A 744 -18.41 5.84 -24.91
CA LYS A 744 -18.11 5.02 -26.09
C LYS A 744 -16.65 4.57 -26.09
N CYS A 745 -16.24 3.91 -25.01
CA CYS A 745 -14.85 3.48 -24.86
C CYS A 745 -14.67 2.01 -25.25
N ASP A 746 -13.74 1.75 -26.17
CA ASP A 746 -13.54 0.39 -26.66
C ASP A 746 -12.43 -0.39 -25.93
N GLY A 747 -11.59 0.32 -25.17
CA GLY A 747 -10.42 -0.30 -24.58
C GLY A 747 -10.29 -0.07 -23.08
N PRO A 748 -9.04 0.03 -22.60
CA PRO A 748 -8.79 0.20 -21.17
C PRO A 748 -9.38 1.48 -20.60
N LEU A 749 -9.68 1.46 -19.30
CA LEU A 749 -10.30 2.58 -18.60
C LEU A 749 -9.26 3.38 -17.81
N SER A 750 -9.62 4.62 -17.48
CA SER A 750 -8.82 5.47 -16.60
C SER A 750 -9.70 5.79 -15.39
N VAL A 751 -9.15 5.68 -14.19
CA VAL A 751 -9.98 5.89 -12.99
C VAL A 751 -9.25 6.76 -11.94
N SER A 752 -9.98 7.67 -11.31
CA SER A 752 -9.48 8.36 -10.12
C SER A 752 -10.59 8.35 -9.09
N SER A 753 -10.23 8.19 -7.83
CA SER A 753 -11.27 8.08 -6.81
C SER A 753 -10.85 8.83 -5.56
N PHE A 754 -11.83 9.09 -4.71
CA PHE A 754 -11.59 9.81 -3.46
C PHE A 754 -12.43 9.23 -2.34
N ILE A 755 -11.94 9.36 -1.12
CA ILE A 755 -12.73 9.08 0.07
C ILE A 755 -12.57 10.31 0.97
N LEU A 756 -13.56 11.20 0.93
CA LEU A 756 -13.45 12.48 1.61
C LEU A 756 -14.01 12.36 3.02
N PRO A 757 -13.27 12.88 4.01
CA PRO A 757 -13.76 12.74 5.39
C PRO A 757 -14.94 13.68 5.65
N HIS A 758 -15.95 13.16 6.31
CA HIS A 758 -17.13 13.97 6.61
C HIS A 758 -16.93 14.58 8.00
N ARG A 759 -16.47 15.82 8.04
CA ARG A 759 -16.12 16.46 9.31
C ARG A 759 -16.90 17.77 9.51
N PRO A 760 -17.16 18.12 10.77
CA PRO A 760 -17.94 19.32 11.16
C PRO A 760 -17.19 20.64 10.97
N ASP A 761 -15.91 20.56 10.63
CA ASP A 761 -15.12 21.75 10.39
C ASP A 761 -14.10 21.48 9.30
N ASN A 762 -13.44 22.54 8.83
CA ASN A 762 -12.35 22.40 7.86
C ASN A 762 -11.00 22.72 8.49
N ASP A 763 -10.81 22.33 9.74
CA ASP A 763 -9.56 22.61 10.43
C ASP A 763 -8.39 21.95 9.72
N GLU A 764 -8.68 20.85 9.02
CA GLU A 764 -7.64 20.16 8.26
C GLU A 764 -7.02 21.07 7.20
N SER A 765 -7.82 21.97 6.63
CA SER A 765 -7.35 22.82 5.53
C SER A 765 -7.03 24.22 6.03
N CYS A 766 -5.74 24.52 6.19
CA CYS A 766 -5.34 25.77 6.84
C CYS A 766 -5.76 27.03 6.11
N ASN A 767 -6.06 26.89 4.82
CA ASN A 767 -6.43 28.03 3.97
C ASN A 767 -7.92 28.11 3.70
N SER A 768 -8.72 27.38 4.45
CA SER A 768 -10.12 27.22 4.12
C SER A 768 -10.94 28.49 4.37
N SER A 769 -10.34 29.52 4.95
CA SER A 769 -11.07 30.78 5.11
C SER A 769 -11.22 31.44 3.74
N GLU A 770 -10.31 31.09 2.84
CA GLU A 770 -10.32 31.60 1.48
C GLU A 770 -11.36 30.90 0.62
N ASP A 771 -11.48 31.35 -0.63
CA ASP A 771 -12.42 30.74 -1.57
C ASP A 771 -12.05 29.29 -1.84
N GLU A 772 -13.07 28.45 -2.01
CA GLU A 772 -12.90 27.02 -2.27
C GLU A 772 -11.89 26.71 -3.38
N SER A 773 -11.79 27.61 -4.35
CA SER A 773 -10.83 27.46 -5.43
C SER A 773 -9.38 27.49 -4.92
N LYS A 774 -9.21 27.83 -3.64
CA LYS A 774 -7.88 27.96 -3.07
C LYS A 774 -7.46 26.80 -2.18
N TRP A 775 -8.37 25.89 -1.90
CA TRP A 775 -8.05 24.84 -0.93
C TRP A 775 -8.75 23.49 -1.12
N VAL A 776 -9.90 23.46 -1.79
CA VAL A 776 -10.65 22.20 -1.88
C VAL A 776 -9.92 21.08 -2.64
N GLU A 777 -9.35 21.41 -3.79
CA GLU A 777 -8.66 20.39 -4.58
C GLU A 777 -7.46 19.85 -3.82
N GLU A 778 -6.79 20.74 -3.08
CA GLU A 778 -5.65 20.32 -2.26
C GLU A 778 -6.07 19.25 -1.25
N LEU A 779 -7.22 19.45 -0.61
CA LEU A 779 -7.79 18.47 0.31
C LEU A 779 -8.12 17.15 -0.40
N MET A 780 -8.74 17.25 -1.57
CA MET A 780 -9.16 16.06 -2.29
C MET A 780 -7.96 15.20 -2.68
N LYS A 781 -6.90 15.84 -3.15
CA LYS A 781 -5.69 15.13 -3.54
C LYS A 781 -5.11 14.32 -2.38
N MET A 782 -5.16 14.90 -1.18
CA MET A 782 -4.67 14.21 0.02
C MET A 782 -5.51 12.96 0.31
N HIS A 783 -6.77 13.00 -0.11
CA HIS A 783 -7.69 11.91 0.20
C HIS A 783 -8.04 11.05 -1.03
N THR A 784 -7.15 11.06 -1.99
CA THR A 784 -7.27 10.15 -3.11
C THR A 784 -7.32 8.72 -2.59
N ALA A 785 -7.89 7.82 -3.38
CA ALA A 785 -8.08 6.45 -2.93
C ALA A 785 -8.14 5.45 -4.09
N ARG A 786 -7.98 4.17 -3.79
CA ARG A 786 -8.14 3.11 -4.78
C ARG A 786 -9.59 2.67 -4.78
N VAL A 787 -10.10 2.21 -5.91
CA VAL A 787 -11.45 1.68 -5.91
C VAL A 787 -11.56 0.53 -4.90
N ARG A 788 -10.50 -0.25 -4.80
CA ARG A 788 -10.45 -1.34 -3.85
C ARG A 788 -10.69 -0.89 -2.40
N ASP A 789 -10.20 0.30 -2.06
CA ASP A 789 -10.38 0.86 -0.72
C ASP A 789 -11.87 1.08 -0.46
N ILE A 790 -12.51 1.70 -1.43
CA ILE A 790 -13.96 1.96 -1.39
C ILE A 790 -14.73 0.65 -1.28
N GLU A 791 -14.30 -0.38 -2.02
CA GLU A 791 -14.96 -1.69 -1.95
C GLU A 791 -14.95 -2.28 -0.53
N HIS A 792 -13.80 -2.25 0.12
CA HIS A 792 -13.70 -2.71 1.51
C HIS A 792 -14.64 -1.95 2.42
N LEU A 793 -14.74 -0.64 2.20
CA LEU A 793 -15.50 0.25 3.06
C LEU A 793 -17.02 0.19 2.82
N THR A 794 -17.43 -0.34 1.67
CA THR A 794 -18.85 -0.28 1.28
C THR A 794 -19.49 -1.65 1.11
N GLY A 795 -18.68 -2.67 0.99
CA GLY A 795 -19.17 -3.99 0.63
C GLY A 795 -19.74 -4.09 -0.77
N LEU A 796 -19.35 -3.16 -1.65
CA LEU A 796 -19.77 -3.17 -3.05
C LEU A 796 -18.67 -3.72 -3.97
N ASP A 797 -19.06 -4.25 -5.14
CA ASP A 797 -18.07 -4.76 -6.09
C ASP A 797 -18.30 -4.11 -7.45
N PHE A 798 -17.30 -3.36 -7.91
CA PHE A 798 -17.45 -2.51 -9.09
C PHE A 798 -16.92 -3.14 -10.38
N TYR A 799 -17.21 -2.50 -11.51
CA TYR A 799 -16.74 -2.92 -12.84
C TYR A 799 -17.00 -4.39 -13.20
N ARG A 800 -18.19 -4.90 -12.92
CA ARG A 800 -18.46 -6.31 -13.16
C ARG A 800 -18.86 -6.62 -14.61
N LYS A 801 -19.27 -5.61 -15.36
CA LYS A 801 -19.65 -5.79 -16.77
C LYS A 801 -18.83 -4.87 -17.67
N THR A 802 -17.68 -5.36 -18.13
CA THR A 802 -16.81 -4.59 -19.00
C THR A 802 -16.32 -5.49 -20.12
N SER A 803 -15.61 -4.91 -21.09
CA SER A 803 -15.01 -5.68 -22.18
C SER A 803 -13.58 -6.13 -21.85
N ARG A 804 -13.12 -5.87 -20.63
CA ARG A 804 -11.75 -6.20 -20.21
C ARG A 804 -11.69 -7.51 -19.41
N SER A 805 -10.50 -8.09 -19.28
CA SER A 805 -10.32 -9.30 -18.47
C SER A 805 -10.52 -8.97 -16.99
N TYR A 806 -10.86 -9.99 -16.20
CA TYR A 806 -11.03 -9.75 -14.76
C TYR A 806 -9.72 -9.32 -14.12
N SER A 807 -8.60 -9.86 -14.61
CA SER A 807 -7.27 -9.48 -14.11
C SER A 807 -6.95 -8.01 -14.40
N GLU A 808 -7.29 -7.53 -15.59
CA GLU A 808 -7.08 -6.12 -15.93
C GLU A 808 -7.92 -5.23 -15.02
N ILE A 809 -9.12 -5.68 -14.70
CA ILE A 809 -10.01 -4.90 -13.87
C ILE A 809 -9.47 -4.83 -12.45
N LEU A 810 -8.88 -5.93 -11.97
CA LEU A 810 -8.29 -5.94 -10.63
C LEU A 810 -7.14 -4.94 -10.55
N THR A 811 -6.32 -4.90 -11.60
CA THR A 811 -5.29 -3.88 -11.70
C THR A 811 -5.88 -2.47 -11.62
N LEU A 812 -6.94 -2.22 -12.39
CA LEU A 812 -7.61 -0.93 -12.37
C LEU A 812 -8.07 -0.55 -10.96
N LYS A 813 -8.62 -1.52 -10.25
CA LYS A 813 -9.17 -1.28 -8.93
C LYS A 813 -8.12 -0.99 -7.85
N THR A 814 -6.88 -1.43 -8.08
CA THR A 814 -5.79 -1.17 -7.13
C THR A 814 -5.04 0.13 -7.43
N TYR A 815 -5.34 0.71 -8.59
CA TYR A 815 -4.69 1.94 -9.02
C TYR A 815 -4.92 3.06 -8.03
N LEU A 816 -3.90 3.85 -7.77
CA LEU A 816 -4.04 5.04 -6.94
C LEU A 816 -3.56 6.25 -7.72
N HIS A 817 -4.44 7.22 -7.94
CA HIS A 817 -4.00 8.46 -8.54
C HIS A 817 -3.32 9.32 -7.47
N THR A 818 -2.00 9.50 -7.57
CA THR A 818 -1.25 10.16 -6.48
C THR A 818 -1.04 11.68 -6.58
N TYR A 819 -1.18 12.24 -7.78
CA TYR A 819 -1.00 13.69 -7.97
C TYR A 819 0.43 14.19 -7.68
N GLU A 820 1.41 13.31 -7.83
CA GLU A 820 2.79 13.68 -7.56
C GLU A 820 3.54 14.09 -8.82
C1 NAG B . 27.99 -29.22 27.24
C2 NAG B . 27.56 -30.40 28.13
C3 NAG B . 28.72 -31.34 28.44
C4 NAG B . 29.44 -31.76 27.17
C5 NAG B . 29.79 -30.56 26.29
C6 NAG B . 30.16 -31.08 24.91
C7 NAG B . 25.83 -30.42 29.86
C8 NAG B . 25.34 -31.73 29.33
N2 NAG B . 26.96 -29.93 29.37
O3 NAG B . 28.22 -32.49 29.09
O4 NAG B . 30.62 -32.47 27.50
O5 NAG B . 28.73 -29.64 26.11
O6 NAG B . 29.08 -31.87 24.43
O7 NAG B . 25.19 -29.84 30.75
C1 NAG B . 30.47 -33.88 27.22
C2 NAG B . 31.84 -34.47 26.87
C3 NAG B . 31.87 -35.99 26.88
C4 NAG B . 31.19 -36.52 28.13
C5 NAG B . 29.77 -35.98 28.14
C6 NAG B . 28.90 -36.61 29.22
C7 NAG B . 33.35 -33.20 25.45
C8 NAG B . 34.01 -33.16 24.11
N2 NAG B . 32.28 -33.99 25.57
O3 NAG B . 33.20 -36.45 26.82
O4 NAG B . 31.20 -37.94 28.11
O5 NAG B . 29.84 -34.57 28.28
O6 NAG B . 29.46 -36.42 30.50
O7 NAG B . 33.79 -32.54 26.38
C1 NAG C . -6.23 -6.78 5.61
C2 NAG C . -7.68 -6.34 5.93
C3 NAG C . -8.06 -6.82 7.33
C4 NAG C . -7.77 -8.30 7.52
C5 NAG C . -6.42 -8.74 6.93
C6 NAG C . -6.29 -10.26 6.90
C7 NAG C . -8.63 -4.28 4.87
C8 NAG C . -8.73 -2.79 4.98
N2 NAG C . -7.87 -4.89 5.80
O3 NAG C . -9.43 -6.51 7.59
O4 NAG C . -7.63 -8.55 8.90
O5 NAG C . -6.22 -8.20 5.63
O6 NAG C . -7.35 -10.82 6.16
O7 NAG C . -9.26 -4.86 3.98
C1 NAG C . -8.60 -9.49 9.39
C2 NAG C . -8.03 -10.01 10.70
C3 NAG C . -9.00 -11.01 11.32
C4 NAG C . -10.43 -10.47 11.34
C5 NAG C . -10.82 -9.90 9.97
C6 NAG C . -12.22 -9.31 9.98
C7 NAG C . -5.57 -10.05 10.63
C8 NAG C . -4.36 -10.94 10.53
N2 NAG C . -6.75 -10.64 10.43
O3 NAG C . -8.55 -11.36 12.61
O4 NAG C . -11.31 -11.55 11.58
O5 NAG C . -9.89 -8.92 9.56
O6 NAG C . -12.30 -8.24 10.89
O7 NAG C . -5.41 -8.86 10.89
C1 BMA C . -11.58 -11.71 12.99
C2 BMA C . -13.01 -12.19 13.14
C3 BMA C . -13.37 -12.33 14.62
C4 BMA C . -12.32 -13.18 15.33
C5 BMA C . -10.91 -12.70 14.97
C6 BMA C . -9.82 -13.60 15.56
O2 BMA C . -13.07 -13.47 12.55
O3 BMA C . -14.66 -12.89 14.76
O4 BMA C . -12.52 -13.13 16.73
O5 BMA C . -10.74 -12.67 13.57
O6 BMA C . -8.58 -13.25 14.96
C1 MAN C . -7.48 -13.88 15.67
C2 MAN C . -6.31 -12.91 15.82
C3 MAN C . -5.75 -12.54 14.45
C4 MAN C . -5.41 -13.83 13.70
C5 MAN C . -6.61 -14.77 13.67
C6 MAN C . -6.27 -16.07 12.94
O2 MAN C . -5.28 -13.50 16.59
O3 MAN C . -4.60 -11.73 14.55
O4 MAN C . -5.03 -13.51 12.37
O5 MAN C . -7.04 -15.04 14.99
O6 MAN C . -5.21 -16.74 13.58
C1 MAN C . -4.94 -10.42 15.07
C2 MAN C . -4.00 -9.39 14.44
C3 MAN C . -2.56 -9.72 14.78
C4 MAN C . -2.44 -9.89 16.30
C5 MAN C . -3.49 -10.83 16.85
C6 MAN C . -3.38 -10.98 18.36
O2 MAN C . -4.35 -8.09 14.91
O3 MAN C . -1.66 -8.72 14.37
O4 MAN C . -1.16 -10.38 16.59
O5 MAN C . -4.79 -10.37 16.48
O6 MAN C . -3.83 -9.81 19.01
C1 MAN C . -5.03 -7.35 13.88
C2 MAN C . -4.92 -5.86 14.22
C3 MAN C . -5.66 -5.57 15.50
C4 MAN C . -7.11 -6.02 15.31
C5 MAN C . -7.15 -7.51 14.93
C6 MAN C . -8.58 -8.00 14.71
O2 MAN C . -5.53 -5.07 13.22
O3 MAN C . -5.61 -4.20 15.80
O4 MAN C . -7.83 -5.83 16.51
O5 MAN C . -6.39 -7.72 13.75
O6 MAN C . -8.60 -9.40 14.75
C1 NAG D . -1.33 26.64 23.78
C2 NAG D . -0.79 26.15 25.13
C3 NAG D . -0.94 27.23 26.20
C4 NAG D . -0.32 28.53 25.73
C5 NAG D . -0.78 28.87 24.33
C6 NAG D . -0.01 30.08 23.81
C7 NAG D . -0.89 23.77 25.56
C8 NAG D . -1.75 22.60 25.93
N2 NAG D . -1.48 24.96 25.51
O3 NAG D . -0.37 26.82 27.41
O4 NAG D . -0.78 29.60 26.51
O5 NAG D . -0.62 27.80 23.42
O6 NAG D . -0.68 30.51 22.66
O7 NAG D . 0.30 23.60 25.31
C1 NAG D . 0.07 29.90 27.61
C2 NAG D . 0.14 31.42 27.74
C3 NAG D . 0.71 31.90 29.07
C4 NAG D . 0.15 31.11 30.24
C5 NAG D . 0.21 29.61 29.97
C6 NAG D . -0.45 28.79 31.07
C7 NAG D . 0.45 32.92 25.83
C8 NAG D . 1.41 33.49 24.84
N2 NAG D . 0.93 31.98 26.65
O3 NAG D . 0.42 33.27 29.26
O4 NAG D . 0.87 31.44 31.40
O5 NAG D . -0.46 29.31 28.77
O6 NAG D . -1.14 27.72 30.46
O7 NAG D . -0.72 33.32 25.86
ZN ZN E . 14.81 0.69 5.43
ZN ZN F . 16.74 4.45 6.99
CA CA G . -15.78 -0.37 10.06
NA NA H . -9.39 25.98 8.53
K K I . -29.90 22.45 9.48
OAA NKP J . 15.86 4.21 9.20
OAB NKP J . 16.09 2.14 7.67
PAC NKP J . 15.38 2.72 8.97
OAD NKP J . 13.91 2.49 8.88
OAE NKP J . 18.78 -3.37 9.81
OAF NKP J . 16.03 2.00 10.27
CAG NKP J . 16.64 0.72 10.37
CAH NKP J . 17.88 0.39 9.52
CAI NKP J . 18.31 -1.01 9.91
OAJ NKP J . 17.16 -1.87 9.86
CAK NKP J . 17.59 -3.13 10.01
CAL NKP J . 16.60 -4.26 10.02
CAM NKP J . 17.12 -5.46 9.28
CAN NKP J . 16.07 -6.53 9.40
CAO NKP J . 16.42 -7.83 8.73
CAP NKP J . 17.73 -8.42 9.23
CAQ NKP J . 18.09 -9.81 8.71
CAR NKP J . 18.25 -10.17 7.19
CAS NKP J . 17.17 -9.98 6.37
CAT NKP J . 15.99 -9.54 6.90
CAU NKP J . 14.75 -9.28 6.19
CAV NKP J . 14.65 -9.82 4.77
CAW NKP J . 13.28 -9.35 4.28
CAX NKP J . 12.84 -9.84 2.92
CAY NKP J . 11.51 -9.20 2.65
CAZ NKP J . 10.64 -9.79 1.57
CBA NKP J . 10.51 -11.14 2.22
CBB NKP J . 9.30 -11.95 1.72
OBC NKP J . 17.85 0.47 8.10
CAW NKP K . 4.64 -15.23 13.42
CAX NKP K . 5.98 -14.73 12.92
CAY NKP K . 7.00 -14.28 13.88
CAZ NKP K . 8.21 -13.78 13.15
CBA NKP K . 9.23 -13.23 14.14
CBB NKP K . 10.42 -12.66 13.43
S SCN L . 7.97 4.67 12.73
C SCN L . 9.32 4.95 13.85
N SCN L . 10.24 5.10 14.57
S SCN M . 7.75 4.02 20.93
C SCN M . 9.14 5.12 21.19
N SCN M . 10.05 5.86 21.34
C1 EDO N . -13.10 -8.50 -6.07
O1 EDO N . -13.58 -7.97 -7.31
C2 EDO N . -11.83 -7.76 -5.68
O2 EDO N . -11.94 -6.42 -6.18
C1 EDO O . 13.84 -12.76 -17.35
O1 EDO O . 12.48 -12.49 -16.92
C2 EDO O . 13.97 -12.66 -18.88
O2 EDO O . 13.27 -13.73 -19.57
C1 EDO P . -25.01 18.26 -3.31
O1 EDO P . -25.03 19.49 -2.59
C2 EDO P . -25.59 18.51 -4.69
O2 EDO P . -24.87 19.60 -5.24
C1 EDO Q . -23.04 0.73 6.35
O1 EDO Q . -21.61 0.62 6.33
C2 EDO Q . -23.61 0.50 4.95
O2 EDO Q . -23.36 -0.85 4.54
C1 EDO R . 12.72 3.13 -17.47
O1 EDO R . 11.55 2.33 -17.74
C2 EDO R . 13.74 3.05 -18.60
O2 EDO R . 13.11 3.19 -19.88
C1 EDO S . -19.20 11.29 10.87
O1 EDO S . -18.96 11.11 12.27
C2 EDO S . -19.58 12.74 10.59
O2 EDO S . -18.64 13.63 11.22
C1 EDO T . 2.25 17.45 6.02
O1 EDO T . 2.78 18.46 5.14
C2 EDO T . 0.76 17.29 5.80
O2 EDO T . 0.53 16.48 4.65
C1 EDO U . -2.27 7.68 22.55
O1 EDO U . -3.56 7.29 22.07
C2 EDO U . -2.23 9.19 22.74
O2 EDO U . -2.44 9.86 21.50
C1 EDO V . -5.99 -15.28 0.10
O1 EDO V . -7.03 -15.68 1.02
C2 EDO V . -5.35 -13.99 0.58
O2 EDO V . -6.30 -12.91 0.65
C1 EDO W . -29.22 2.54 9.74
O1 EDO W . -29.08 1.63 10.85
C2 EDO W . -30.51 3.33 9.89
O2 EDO W . -30.52 4.01 11.16
C1 EDO X . -6.10 3.78 -14.30
O1 EDO X . -6.37 5.17 -14.14
C2 EDO X . -5.28 3.59 -15.58
O2 EDO X . -4.46 4.74 -15.78
C1 EDO Y . -18.71 -8.37 2.69
O1 EDO Y . -18.38 -8.59 4.07
C2 EDO Y . -18.27 -6.97 2.29
O2 EDO Y . -18.64 -6.02 3.30
C1 EDO Z . 4.64 29.56 16.74
O1 EDO Z . 5.52 28.53 16.25
C2 EDO Z . 3.34 28.95 17.20
O2 EDO Z . 2.43 29.99 17.59
C1 EDO AA . 27.11 -3.92 -0.61
O1 EDO AA . 26.38 -3.08 0.31
C2 EDO AA . 26.50 -5.31 -0.70
O2 EDO AA . 25.06 -5.35 -0.70
C1 EDO BA . -23.02 -10.25 -11.99
O1 EDO BA . -21.97 -10.65 -12.88
C2 EDO BA . -23.02 -8.73 -11.84
O2 EDO BA . -24.15 -8.31 -11.07
C1 EDO CA . -18.73 26.40 7.96
O1 EDO CA . -18.32 26.31 6.59
C2 EDO CA . -19.21 25.04 8.47
O2 EDO CA . -19.56 25.14 9.86
C1 EDO DA . -8.54 -2.49 -17.83
O1 EDO DA . -9.04 -1.16 -17.59
C2 EDO DA . -7.97 -2.54 -19.25
O2 EDO DA . -7.31 -3.78 -19.47
C1 EDO EA . 5.26 -12.88 -22.00
O1 EDO EA . 4.50 -13.93 -21.39
C2 EDO EA . 6.73 -13.07 -21.67
O2 EDO EA . 7.49 -11.94 -22.14
C1 EDO FA . -14.10 18.31 4.75
O1 EDO FA . -13.43 17.17 5.30
C2 EDO FA . -15.00 18.92 5.83
O2 EDO FA . -15.90 17.93 6.33
C1 EDO GA . -4.94 18.54 3.12
O1 EDO GA . -3.53 18.58 3.41
C2 EDO GA . -5.56 19.89 3.49
O2 EDO GA . -4.65 20.97 3.21
C1 EDO HA . -1.65 -5.33 18.24
O1 EDO HA . -2.47 -6.37 18.76
C2 EDO HA . -0.88 -5.80 17.00
O2 EDO HA . -1.75 -6.27 15.97
#